data_3ORF
#
_entry.id   3ORF
#
_cell.length_a   49.808
_cell.length_b   129.898
_cell.length_c   78.763
_cell.angle_alpha   90.00
_cell.angle_beta   99.99
_cell.angle_gamma   90.00
#
_symmetry.space_group_name_H-M   'P 1 21 1'
#
loop_
_entity.id
_entity.type
_entity.pdbx_description
1 polymer 'Dihydropteridine reductase'
2 non-polymer NICOTINAMIDE-ADENINE-DINUCLEOTIDE
3 water water
#
_entity_poly.entity_id   1
_entity_poly.type   'polypeptide(L)'
_entity_poly.pdbx_seq_one_letter_code
;MGSSHHHHHHSSGLVPRGSHMSKNILVLGGSGALGAEVVKFFKSKSWNTISIDFRENPNADHSFTIKDSGEEEIKSVIEK
INSKSIKVDTFVCAAGGWSGGNASSDEFLKSVKGMIDMNLYSAFASAHIGAKLLNQGGLFVLTGASAALNRTSGMIAYGA
TKAATHHIIKDLASENGGLPAGSTSLGILPVTLDTPTNRKYMSDANFDDWTPLSEVAEKLFEWSTNSDSRPTNGSLVKFE
TKSKVTTWTNL
;
_entity_poly.pdbx_strand_id   A,B,C,D
#
# COMPACT_ATOMS: atom_id res chain seq x y z
N SER A 22 -3.63 27.21 -10.24
CA SER A 22 -4.17 27.22 -8.85
C SER A 22 -4.51 25.81 -8.24
N LYS A 23 -4.10 25.55 -7.02
CA LYS A 23 -4.38 24.23 -6.51
C LYS A 23 -5.61 24.25 -5.59
N ASN A 24 -6.42 23.21 -5.65
CA ASN A 24 -7.61 23.14 -4.80
C ASN A 24 -7.48 22.14 -3.65
N ILE A 25 -7.88 22.58 -2.45
CA ILE A 25 -8.04 21.63 -1.38
C ILE A 25 -9.48 21.59 -0.91
N LEU A 26 -10.01 20.40 -0.69
CA LEU A 26 -11.36 20.24 -0.20
C LEU A 26 -11.41 19.58 1.16
N VAL A 27 -12.22 20.13 2.06
CA VAL A 27 -12.15 19.70 3.46
C VAL A 27 -13.57 19.39 3.99
N LEU A 28 -13.81 18.12 4.33
CA LEU A 28 -15.12 17.68 4.87
C LEU A 28 -14.92 17.90 6.34
N GLY A 29 -15.88 18.54 7.01
CA GLY A 29 -15.62 18.96 8.38
C GLY A 29 -14.91 20.30 8.35
N GLY A 30 -14.99 20.95 7.19
CA GLY A 30 -14.34 22.25 7.02
C GLY A 30 -14.70 23.37 7.99
N SER A 31 -15.70 23.20 8.86
CA SER A 31 -15.98 24.29 9.83
C SER A 31 -15.56 23.95 11.23
N GLY A 32 -15.10 22.69 11.46
CA GLY A 32 -14.66 22.26 12.82
C GLY A 32 -13.38 22.94 13.21
N ALA A 33 -12.86 22.67 14.40
CA ALA A 33 -11.61 23.31 14.79
C ALA A 33 -10.45 22.95 13.83
N LEU A 34 -10.23 21.66 13.61
CA LEU A 34 -9.13 21.26 12.73
C LEU A 34 -9.40 21.70 11.30
N GLY A 35 -10.63 21.41 10.84
CA GLY A 35 -11.04 21.65 9.48
C GLY A 35 -10.84 23.12 9.14
N ALA A 36 -11.24 24.02 10.06
CA ALA A 36 -11.06 25.48 9.82
C ALA A 36 -9.60 25.93 9.87
N GLU A 37 -8.76 25.27 10.69
CA GLU A 37 -7.34 25.59 10.64
C GLU A 37 -6.67 25.11 9.33
N VAL A 38 -7.07 23.94 8.82
CA VAL A 38 -6.57 23.50 7.50
C VAL A 38 -6.97 24.51 6.41
N VAL A 39 -8.16 25.06 6.53
CA VAL A 39 -8.60 25.97 5.44
C VAL A 39 -7.76 27.24 5.53
N LYS A 40 -7.63 27.75 6.75
CA LYS A 40 -6.92 29.00 7.00
C LYS A 40 -5.47 28.87 6.50
N PHE A 41 -4.80 27.79 6.88
CA PHE A 41 -3.41 27.61 6.50
C PHE A 41 -3.27 27.43 4.98
N PHE A 42 -4.14 26.64 4.37
CA PHE A 42 -3.99 26.52 2.91
C PHE A 42 -4.20 27.82 2.18
N LYS A 43 -5.23 28.54 2.61
CA LYS A 43 -5.58 29.87 2.07
C LYS A 43 -4.37 30.81 2.17
N SER A 44 -3.63 30.78 3.28
CA SER A 44 -2.38 31.58 3.39
C SER A 44 -1.26 31.22 2.41
N LYS A 45 -1.26 30.02 1.88
CA LYS A 45 -0.25 29.60 0.90
C LYS A 45 -0.82 29.72 -0.51
N SER A 46 -1.92 30.45 -0.61
CA SER A 46 -2.57 30.76 -1.88
C SER A 46 -3.22 29.57 -2.60
N TRP A 47 -3.66 28.53 -1.88
CA TRP A 47 -4.49 27.51 -2.48
C TRP A 47 -5.93 28.00 -2.45
N ASN A 48 -6.71 27.51 -3.38
CA ASN A 48 -8.12 27.72 -3.36
C ASN A 48 -8.69 26.64 -2.37
N THR A 49 -9.56 27.08 -1.46
CA THR A 49 -10.11 26.22 -0.42
C THR A 49 -11.62 25.99 -0.55
N ILE A 50 -12.07 24.76 -0.28
CA ILE A 50 -13.50 24.43 -0.34
C ILE A 50 -13.88 23.65 0.93
N SER A 51 -15.04 23.96 1.52
CA SER A 51 -15.45 23.36 2.80
C SER A 51 -16.84 22.77 2.67
N ILE A 52 -16.99 21.50 3.06
CA ILE A 52 -18.32 20.90 3.25
C ILE A 52 -18.45 20.60 4.76
N ASP A 53 -19.57 21.01 5.34
CA ASP A 53 -19.85 20.83 6.78
C ASP A 53 -21.37 21.07 7.02
N PHE A 54 -21.83 20.96 8.27
CA PHE A 54 -23.28 21.22 8.55
C PHE A 54 -23.61 22.71 8.52
N ARG A 55 -22.60 23.54 8.75
CA ARG A 55 -22.74 24.99 8.72
C ARG A 55 -21.59 25.52 7.80
N GLU A 56 -21.75 26.75 7.32
CA GLU A 56 -20.82 27.34 6.36
C GLU A 56 -19.49 27.65 7.02
N ASN A 57 -18.45 27.75 6.20
CA ASN A 57 -17.17 28.31 6.64
C ASN A 57 -16.90 29.49 5.75
N PRO A 58 -17.27 30.70 6.23
CA PRO A 58 -17.27 31.87 5.30
C PRO A 58 -15.84 32.22 4.97
N ASN A 59 -14.88 31.81 5.78
CA ASN A 59 -13.47 32.04 5.47
C ASN A 59 -12.98 31.25 4.25
N ALA A 60 -13.66 30.16 3.92
CA ALA A 60 -13.28 29.41 2.74
C ALA A 60 -13.77 30.08 1.46
N ASP A 61 -13.07 29.77 0.37
CA ASP A 61 -13.34 30.34 -0.94
C ASP A 61 -14.65 29.78 -1.48
N HIS A 62 -14.91 28.52 -1.18
CA HIS A 62 -16.21 27.97 -1.48
C HIS A 62 -16.68 27.18 -0.28
N SER A 63 -17.92 27.36 0.11
CA SER A 63 -18.42 26.65 1.30
C SER A 63 -19.78 26.02 1.00
N PHE A 64 -19.93 24.74 1.36
CA PHE A 64 -21.16 24.01 1.11
C PHE A 64 -21.70 23.42 2.40
N THR A 65 -23.02 23.33 2.46
CA THR A 65 -23.69 22.88 3.62
C THR A 65 -24.37 21.59 3.22
N ILE A 66 -24.38 20.60 4.14
CA ILE A 66 -25.15 19.36 3.93
C ILE A 66 -26.08 19.16 5.09
N LYS A 67 -27.28 18.65 4.86
CA LYS A 67 -28.29 18.58 5.92
C LYS A 67 -27.98 17.28 6.62
N ASP A 68 -27.36 16.34 5.90
CA ASP A 68 -26.91 15.07 6.50
C ASP A 68 -25.77 14.44 5.71
N SER A 69 -25.34 13.26 6.15
CA SER A 69 -24.25 12.57 5.47
C SER A 69 -24.78 11.45 4.58
N GLY A 70 -26.11 11.37 4.43
CA GLY A 70 -26.82 10.41 3.58
C GLY A 70 -26.54 10.41 2.07
N GLU A 71 -26.97 9.32 1.43
CA GLU A 71 -26.77 9.20 0.00
C GLU A 71 -27.08 10.49 -0.76
N GLU A 72 -28.27 11.06 -0.55
CA GLU A 72 -28.72 12.14 -1.45
C GLU A 72 -27.96 13.42 -1.27
N GLU A 73 -27.75 13.77 -0.02
CA GLU A 73 -26.93 14.92 0.34
C GLU A 73 -25.53 14.89 -0.20
N ILE A 74 -24.91 13.71 -0.11
CA ILE A 74 -23.58 13.54 -0.64
C ILE A 74 -23.59 13.60 -2.19
N LYS A 75 -24.46 12.84 -2.84
CA LYS A 75 -24.59 13.03 -4.32
C LYS A 75 -24.74 14.52 -4.71
N SER A 76 -25.49 15.33 -3.93
CA SER A 76 -25.80 16.70 -4.40
C SER A 76 -24.63 17.62 -4.33
N VAL A 77 -23.91 17.55 -3.21
CA VAL A 77 -22.79 18.42 -3.01
C VAL A 77 -21.66 18.07 -4.02
N ILE A 78 -21.47 16.77 -4.29
CA ILE A 78 -20.54 16.37 -5.37
C ILE A 78 -21.10 16.88 -6.68
N GLU A 79 -22.40 16.63 -6.92
CA GLU A 79 -23.01 17.14 -8.18
C GLU A 79 -22.86 18.66 -8.33
N LYS A 80 -22.97 19.41 -7.21
CA LYS A 80 -22.77 20.86 -7.20
C LYS A 80 -21.36 21.27 -7.51
N ILE A 81 -20.39 20.63 -6.87
CA ILE A 81 -18.99 21.02 -7.01
C ILE A 81 -18.45 20.67 -8.42
N ASN A 82 -18.98 19.56 -8.92
CA ASN A 82 -18.69 19.01 -10.26
C ASN A 82 -19.17 19.99 -11.34
N SER A 83 -20.48 20.29 -11.35
CA SER A 83 -21.04 21.31 -12.25
C SER A 83 -20.41 22.72 -12.13
N LYS A 84 -19.48 22.93 -11.19
CA LYS A 84 -18.70 24.17 -11.09
C LYS A 84 -17.30 23.95 -11.69
N SER A 85 -17.07 22.76 -12.22
CA SER A 85 -15.80 22.41 -12.85
C SER A 85 -14.52 22.29 -11.96
N ILE A 86 -14.65 22.11 -10.67
CA ILE A 86 -13.39 22.04 -9.91
C ILE A 86 -13.02 20.59 -9.56
N LYS A 87 -11.74 20.29 -9.62
CA LYS A 87 -11.22 19.01 -9.16
C LYS A 87 -10.23 19.33 -8.07
N VAL A 88 -9.89 18.38 -7.21
CA VAL A 88 -9.11 18.80 -6.06
C VAL A 88 -7.83 18.05 -5.95
N ASP A 89 -6.79 18.75 -5.54
CA ASP A 89 -5.47 18.14 -5.45
C ASP A 89 -5.19 17.46 -4.08
N THR A 90 -5.86 17.97 -3.04
CA THR A 90 -5.82 17.45 -1.72
C THR A 90 -7.24 17.43 -1.13
N PHE A 91 -7.61 16.26 -0.58
CA PHE A 91 -8.88 16.13 0.14
C PHE A 91 -8.58 15.76 1.57
N VAL A 92 -9.24 16.39 2.54
CA VAL A 92 -8.99 16.06 3.97
C VAL A 92 -10.31 15.87 4.66
N CYS A 93 -10.52 14.74 5.33
CA CYS A 93 -11.72 14.70 6.15
C CYS A 93 -11.39 15.02 7.60
N ALA A 94 -11.93 16.13 8.06
CA ALA A 94 -11.68 16.50 9.45
C ALA A 94 -12.97 16.44 10.21
N ALA A 95 -13.99 15.84 9.63
CA ALA A 95 -15.29 15.63 10.25
C ALA A 95 -15.16 14.54 11.32
N GLY A 96 -16.01 14.57 12.31
CA GLY A 96 -16.04 13.46 13.27
C GLY A 96 -16.52 14.01 14.62
N GLY A 97 -16.37 13.21 15.65
CA GLY A 97 -16.85 13.59 17.00
C GLY A 97 -16.32 12.52 17.95
N TRP A 98 -16.33 12.84 19.24
CA TRP A 98 -16.08 11.86 20.28
C TRP A 98 -17.25 11.68 21.27
N SER A 99 -17.53 10.47 21.65
CA SER A 99 -18.48 10.19 22.75
C SER A 99 -17.97 8.96 23.43
N GLY A 100 -18.21 8.85 24.75
CA GLY A 100 -17.73 7.76 25.57
C GLY A 100 -18.74 6.66 25.79
N GLY A 101 -18.29 5.61 26.46
CA GLY A 101 -19.16 4.65 27.06
C GLY A 101 -18.80 3.25 26.68
N ASN A 102 -18.84 2.37 27.69
CA ASN A 102 -18.73 0.95 27.49
C ASN A 102 -20.11 0.34 27.23
N ALA A 103 -20.16 -0.97 27.15
CA ALA A 103 -21.35 -1.59 26.57
C ALA A 103 -22.52 -1.62 27.53
N SER A 104 -22.24 -1.43 28.82
CA SER A 104 -23.34 -1.57 29.79
C SER A 104 -23.85 -0.24 30.32
N SER A 105 -23.18 0.83 29.92
CA SER A 105 -23.46 2.16 30.41
C SER A 105 -24.74 2.76 29.77
N ASP A 106 -25.32 3.73 30.48
CA ASP A 106 -26.57 4.34 30.12
C ASP A 106 -26.51 5.03 28.77
N GLU A 107 -25.39 5.66 28.46
CA GLU A 107 -25.29 6.43 27.23
C GLU A 107 -24.88 5.62 25.98
N PHE A 108 -24.85 4.29 26.11
CA PHE A 108 -24.19 3.46 25.15
C PHE A 108 -24.85 3.46 23.79
N LEU A 109 -26.15 3.14 23.75
CA LEU A 109 -26.90 3.19 22.50
C LEU A 109 -26.87 4.54 21.79
N LYS A 110 -26.94 5.66 22.54
CA LYS A 110 -26.82 7.00 21.94
C LYS A 110 -25.41 7.19 21.29
N SER A 111 -24.39 6.65 21.97
CA SER A 111 -23.03 6.93 21.62
C SER A 111 -22.86 6.18 20.28
N VAL A 112 -23.49 5.04 20.16
CA VAL A 112 -23.46 4.26 18.90
C VAL A 112 -23.95 5.09 17.74
N LYS A 113 -25.16 5.61 17.83
CA LYS A 113 -25.65 6.37 16.69
C LYS A 113 -24.86 7.69 16.45
N GLY A 114 -24.50 8.40 17.53
CA GLY A 114 -23.64 9.55 17.39
C GLY A 114 -22.33 9.28 16.63
N MET A 115 -21.63 8.18 16.96
CA MET A 115 -20.27 7.96 16.41
C MET A 115 -20.42 7.45 14.96
N ILE A 116 -21.46 6.64 14.69
CA ILE A 116 -21.71 6.20 13.33
C ILE A 116 -21.95 7.44 12.46
N ASP A 117 -22.83 8.33 12.87
CA ASP A 117 -23.18 9.47 12.02
C ASP A 117 -22.05 10.47 11.83
N MET A 118 -21.29 10.73 12.90
CA MET A 118 -20.24 11.70 12.84
C MET A 118 -18.95 11.13 12.24
N ASN A 119 -18.52 9.94 12.64
CA ASN A 119 -17.22 9.45 12.11
C ASN A 119 -17.36 8.50 10.89
N LEU A 120 -18.34 7.61 10.90
CA LEU A 120 -18.29 6.51 9.92
C LEU A 120 -18.93 6.95 8.61
N TYR A 121 -20.13 7.53 8.74
CA TYR A 121 -20.79 8.14 7.58
C TYR A 121 -19.92 9.16 6.85
N SER A 122 -19.09 9.91 7.58
CA SER A 122 -18.28 10.91 6.94
C SER A 122 -17.01 10.34 6.29
N ALA A 123 -16.42 9.31 6.90
CA ALA A 123 -15.34 8.58 6.26
C ALA A 123 -15.84 7.91 4.97
N PHE A 124 -17.03 7.34 5.01
CA PHE A 124 -17.59 6.73 3.83
C PHE A 124 -17.86 7.79 2.78
N ALA A 125 -18.46 8.90 3.19
CA ALA A 125 -18.72 10.02 2.23
C ALA A 125 -17.43 10.52 1.54
N SER A 126 -16.35 10.67 2.31
CA SER A 126 -15.03 11.01 1.79
C SER A 126 -14.60 10.08 0.73
N ALA A 127 -14.76 8.76 0.92
CA ALA A 127 -14.36 7.82 -0.16
C ALA A 127 -15.04 8.19 -1.48
N HIS A 128 -16.36 8.33 -1.44
CA HIS A 128 -17.08 8.78 -2.65
C HIS A 128 -16.61 10.13 -3.25
N ILE A 129 -16.44 11.14 -2.38
CA ILE A 129 -16.07 12.50 -2.78
C ILE A 129 -14.72 12.47 -3.46
N GLY A 130 -13.77 11.70 -2.86
CA GLY A 130 -12.47 11.50 -3.47
C GLY A 130 -12.51 10.74 -4.79
N ALA A 131 -13.16 9.59 -4.82
CA ALA A 131 -13.33 8.94 -6.12
C ALA A 131 -13.87 9.90 -7.21
N LYS A 132 -14.81 10.78 -6.85
CA LYS A 132 -15.41 11.65 -7.90
C LYS A 132 -14.61 12.92 -8.22
N LEU A 133 -13.96 13.52 -7.22
CA LEU A 133 -13.39 14.86 -7.41
C LEU A 133 -11.87 14.94 -7.33
N LEU A 134 -11.20 13.85 -6.93
CA LEU A 134 -9.77 13.95 -6.73
C LEU A 134 -9.06 13.92 -8.09
N ASN A 135 -8.04 14.77 -8.25
CA ASN A 135 -7.20 14.73 -9.45
C ASN A 135 -6.23 13.56 -9.32
N GLN A 136 -5.81 13.06 -10.47
CA GLN A 136 -4.79 12.04 -10.52
C GLN A 136 -3.62 12.61 -9.71
N GLY A 137 -2.87 11.74 -9.02
CA GLY A 137 -1.72 12.19 -8.24
C GLY A 137 -2.13 12.88 -6.94
N GLY A 138 -3.43 12.95 -6.66
CA GLY A 138 -3.96 13.70 -5.49
C GLY A 138 -3.64 13.12 -4.12
N LEU A 139 -3.88 13.89 -3.08
CA LEU A 139 -3.63 13.47 -1.73
C LEU A 139 -4.97 13.34 -1.05
N PHE A 140 -5.18 12.20 -0.40
CA PHE A 140 -6.45 11.95 0.21
C PHE A 140 -6.25 11.56 1.67
N VAL A 141 -6.74 12.37 2.59
CA VAL A 141 -6.45 12.08 4.00
C VAL A 141 -7.66 11.96 4.85
N LEU A 142 -7.80 10.82 5.59
CA LEU A 142 -8.83 10.75 6.62
C LEU A 142 -8.22 10.90 8.02
N THR A 143 -8.95 11.52 8.94
CA THR A 143 -8.61 11.56 10.38
C THR A 143 -9.06 10.27 11.09
N GLY A 144 -8.07 9.48 11.58
CA GLY A 144 -8.41 8.24 12.29
C GLY A 144 -8.27 8.51 13.79
N ALA A 145 -7.80 7.51 14.55
CA ALA A 145 -7.45 7.77 15.94
C ALA A 145 -6.37 6.91 16.42
N SER A 146 -5.37 7.48 17.06
CA SER A 146 -4.32 6.63 17.65
C SER A 146 -4.87 5.61 18.65
N ALA A 147 -5.83 6.02 19.45
CA ALA A 147 -6.32 5.09 20.48
C ALA A 147 -6.99 3.86 19.85
N ALA A 148 -7.60 4.00 18.67
CA ALA A 148 -8.21 2.84 18.00
C ALA A 148 -7.22 1.84 17.48
N LEU A 149 -5.94 2.13 17.47
CA LEU A 149 -4.93 1.06 17.26
C LEU A 149 -5.01 -0.04 18.35
N ASN A 150 -5.61 0.24 19.51
CA ASN A 150 -5.60 -0.71 20.63
C ASN A 150 -7.00 -0.80 21.19
N ARG A 151 -7.17 -1.47 22.34
CA ARG A 151 -8.50 -1.55 23.00
C ARG A 151 -9.08 -0.19 23.40
N THR A 152 -10.36 -0.06 23.16
CA THR A 152 -11.09 1.12 23.47
C THR A 152 -12.36 0.70 24.23
N SER A 153 -12.16 -0.20 25.18
CA SER A 153 -13.20 -0.63 26.12
C SER A 153 -14.07 0.44 26.75
N GLY A 154 -13.49 1.56 27.16
CA GLY A 154 -14.32 2.62 27.72
C GLY A 154 -15.01 3.51 26.72
N MET A 155 -14.87 3.22 25.40
CA MET A 155 -15.40 4.11 24.36
C MET A 155 -15.50 3.30 23.07
N ILE A 156 -16.33 2.28 23.21
CA ILE A 156 -16.43 1.24 22.25
C ILE A 156 -16.94 1.76 20.89
N ALA A 157 -17.85 2.72 20.92
CA ALA A 157 -18.45 3.14 19.67
C ALA A 157 -17.49 4.02 18.88
N TYR A 158 -16.79 4.87 19.61
CA TYR A 158 -15.74 5.71 18.98
C TYR A 158 -14.64 4.79 18.45
N GLY A 159 -14.22 3.81 19.25
CA GLY A 159 -13.05 2.93 18.84
C GLY A 159 -13.43 2.12 17.59
N ALA A 160 -14.64 1.54 17.60
CA ALA A 160 -15.03 0.72 16.43
C ALA A 160 -15.21 1.55 15.14
N THR A 161 -15.75 2.75 15.19
CA THR A 161 -15.99 3.57 14.00
C THR A 161 -14.67 4.08 13.50
N LYS A 162 -13.75 4.39 14.43
CA LYS A 162 -12.39 4.72 14.02
C LYS A 162 -11.63 3.50 13.44
N ALA A 163 -11.88 2.30 13.97
CA ALA A 163 -11.21 1.16 13.38
C ALA A 163 -11.76 1.02 11.97
N ALA A 164 -13.05 1.33 11.76
CA ALA A 164 -13.57 1.14 10.41
C ALA A 164 -12.91 2.20 9.52
N THR A 165 -12.76 3.41 10.05
CA THR A 165 -12.09 4.51 9.29
C THR A 165 -10.72 4.08 8.82
N HIS A 166 -9.98 3.41 9.73
CA HIS A 166 -8.61 3.00 9.40
C HIS A 166 -8.67 1.99 8.23
N HIS A 167 -9.64 1.10 8.26
CA HIS A 167 -9.72 0.03 7.21
C HIS A 167 -10.06 0.70 5.86
N ILE A 168 -10.86 1.76 5.88
CA ILE A 168 -11.24 2.44 4.63
C ILE A 168 -10.02 3.09 3.95
N ILE A 169 -9.25 3.79 4.77
CA ILE A 169 -7.99 4.28 4.35
C ILE A 169 -7.17 3.22 3.62
N LYS A 170 -7.11 2.02 4.18
CA LYS A 170 -6.29 1.01 3.54
C LYS A 170 -6.91 0.50 2.23
N ASP A 171 -8.23 0.41 2.17
CA ASP A 171 -8.91 -0.06 0.98
C ASP A 171 -8.71 0.98 -0.14
N LEU A 172 -8.69 2.25 0.22
CA LEU A 172 -8.52 3.34 -0.75
C LEU A 172 -7.09 3.49 -1.26
N ALA A 173 -6.11 2.87 -0.58
CA ALA A 173 -4.71 2.78 -1.09
C ALA A 173 -4.58 1.80 -2.26
N SER A 174 -5.50 0.86 -2.40
CA SER A 174 -5.41 -0.15 -3.43
C SER A 174 -5.77 0.48 -4.77
N GLU A 175 -5.11 0.06 -5.85
CA GLU A 175 -5.42 0.59 -7.19
C GLU A 175 -6.85 0.24 -7.58
N ASN A 176 -7.47 -0.75 -6.92
CA ASN A 176 -8.85 -1.13 -7.25
C ASN A 176 -9.86 -0.47 -6.35
N GLY A 177 -9.40 0.34 -5.40
CA GLY A 177 -10.32 0.93 -4.40
C GLY A 177 -11.26 2.01 -4.92
N GLY A 178 -10.85 2.65 -6.05
CA GLY A 178 -11.65 3.68 -6.73
C GLY A 178 -11.16 5.10 -6.78
N LEU A 179 -10.04 5.39 -6.12
CA LEU A 179 -9.47 6.69 -6.20
C LEU A 179 -8.62 6.75 -7.52
N PRO A 180 -8.38 7.95 -8.05
CA PRO A 180 -7.73 8.07 -9.35
C PRO A 180 -6.30 7.55 -9.32
N ALA A 181 -5.76 7.25 -10.51
CA ALA A 181 -4.34 6.84 -10.66
C ALA A 181 -3.37 7.78 -9.89
N GLY A 182 -2.39 7.18 -9.22
CA GLY A 182 -1.30 7.88 -8.56
C GLY A 182 -1.64 8.61 -7.26
N SER A 183 -2.87 8.46 -6.78
CA SER A 183 -3.24 9.12 -5.55
C SER A 183 -2.69 8.38 -4.35
N THR A 184 -2.67 9.02 -3.20
CA THR A 184 -2.10 8.48 -1.98
C THR A 184 -3.20 8.67 -0.95
N SER A 185 -3.60 7.58 -0.31
CA SER A 185 -4.59 7.53 0.79
C SER A 185 -3.78 7.37 2.11
N LEU A 186 -3.98 8.30 3.07
CA LEU A 186 -3.34 8.31 4.40
C LEU A 186 -4.38 8.52 5.50
N GLY A 187 -4.04 8.07 6.70
CA GLY A 187 -4.79 8.39 7.87
C GLY A 187 -3.84 9.21 8.73
N ILE A 188 -4.37 10.25 9.40
CA ILE A 188 -3.57 10.93 10.43
C ILE A 188 -4.24 10.57 11.73
N LEU A 189 -3.42 10.16 12.71
CA LEU A 189 -3.91 9.49 13.89
C LEU A 189 -3.31 10.26 15.07
N PRO A 190 -4.00 11.29 15.53
CA PRO A 190 -3.49 12.05 16.69
C PRO A 190 -3.63 11.30 18.02
N VAL A 191 -2.58 11.40 18.87
CA VAL A 191 -2.70 11.07 20.30
C VAL A 191 -3.59 12.15 20.96
N THR A 192 -3.19 13.42 20.86
CA THR A 192 -4.03 14.52 21.35
C THR A 192 -3.73 15.81 20.61
N LEU A 193 -4.74 16.23 19.88
CA LEU A 193 -4.87 17.57 19.29
C LEU A 193 -5.27 18.65 20.32
N ASP A 194 -4.84 19.86 20.04
CA ASP A 194 -5.24 20.99 20.88
C ASP A 194 -6.45 21.61 20.24
N THR A 195 -7.61 21.17 20.69
CA THR A 195 -8.93 21.53 20.15
C THR A 195 -9.82 21.91 21.36
N PRO A 196 -10.85 22.76 21.14
CA PRO A 196 -11.84 23.04 22.23
C PRO A 196 -12.41 21.71 22.85
N THR A 197 -12.56 20.66 22.07
CA THR A 197 -13.04 19.43 22.64
C THR A 197 -12.07 18.90 23.69
N ASN A 198 -10.77 18.89 23.38
CA ASN A 198 -9.86 18.40 24.39
C ASN A 198 -9.69 19.35 25.53
N ARG A 199 -9.78 20.65 25.28
CA ARG A 199 -9.70 21.57 26.38
C ARG A 199 -10.82 21.35 27.38
N LYS A 200 -11.98 20.92 26.90
CA LYS A 200 -13.12 20.72 27.72
C LYS A 200 -13.00 19.44 28.57
N TYR A 201 -12.44 18.40 27.99
CA TYR A 201 -12.48 17.09 28.64
C TYR A 201 -11.21 16.78 29.42
N MET A 202 -10.15 17.51 29.13
CA MET A 202 -8.88 17.19 29.77
C MET A 202 -8.23 18.49 30.18
N SER A 203 -9.02 19.38 30.74
CA SER A 203 -8.54 20.73 31.05
C SER A 203 -7.39 20.80 32.11
N ASP A 204 -7.16 19.71 32.83
CA ASP A 204 -5.99 19.56 33.71
C ASP A 204 -4.69 19.28 32.99
N ALA A 205 -4.73 18.97 31.68
CA ALA A 205 -3.53 18.37 31.07
C ALA A 205 -2.43 19.39 30.94
N ASN A 206 -1.24 18.90 30.64
CA ASN A 206 -0.19 19.82 30.19
C ASN A 206 -0.38 20.08 28.69
N PHE A 207 -0.87 21.27 28.34
CA PHE A 207 -1.25 21.62 26.92
C PHE A 207 -0.07 21.59 25.96
N ASP A 208 1.15 21.61 26.51
CA ASP A 208 2.37 21.59 25.70
C ASP A 208 2.60 20.17 25.16
N ASP A 209 1.91 19.17 25.70
CA ASP A 209 1.92 17.81 25.16
C ASP A 209 0.77 17.61 24.16
N TRP A 210 0.20 18.72 23.65
CA TRP A 210 -0.92 18.61 22.67
C TRP A 210 -0.46 19.18 21.31
N THR A 211 -0.85 18.53 20.21
CA THR A 211 -0.41 19.03 18.93
C THR A 211 -1.21 20.29 18.51
N PRO A 212 -0.52 21.40 18.22
CA PRO A 212 -1.21 22.57 17.65
C PRO A 212 -1.80 22.25 16.28
N LEU A 213 -3.03 22.71 16.03
CA LEU A 213 -3.71 22.38 14.78
C LEU A 213 -2.88 22.85 13.55
N SER A 214 -2.13 23.97 13.72
CA SER A 214 -1.37 24.55 12.63
C SER A 214 -0.25 23.59 12.30
N GLU A 215 0.17 22.70 13.22
CA GLU A 215 1.21 21.73 12.82
C GLU A 215 0.57 20.64 12.02
N VAL A 216 -0.65 20.28 12.34
CA VAL A 216 -1.32 19.36 11.43
C VAL A 216 -1.46 19.91 9.99
N ALA A 217 -1.96 21.14 9.88
CA ALA A 217 -2.01 21.85 8.58
C ALA A 217 -0.70 21.88 7.83
N GLU A 218 0.38 22.23 8.53
CA GLU A 218 1.72 22.29 7.91
C GLU A 218 2.18 20.93 7.37
N LYS A 219 1.98 19.86 8.16
CA LYS A 219 2.30 18.51 7.64
C LYS A 219 1.48 18.19 6.39
N LEU A 220 0.19 18.49 6.43
CA LEU A 220 -0.67 18.27 5.23
C LEU A 220 -0.20 19.02 4.00
N PHE A 221 0.19 20.26 4.24
CA PHE A 221 0.75 21.10 3.21
C PHE A 221 2.04 20.57 2.63
N GLU A 222 2.98 20.14 3.48
CA GLU A 222 4.20 19.46 3.01
C GLU A 222 3.88 18.23 2.13
N TRP A 223 2.93 17.39 2.52
CA TRP A 223 2.59 16.25 1.69
C TRP A 223 1.90 16.67 0.40
N SER A 224 1.12 17.75 0.43
CA SER A 224 0.41 18.29 -0.76
C SER A 224 1.31 18.86 -1.88
N THR A 225 2.50 19.34 -1.51
CA THR A 225 3.39 20.07 -2.41
C THR A 225 4.70 19.32 -2.69
N ASN A 226 5.06 18.34 -1.87
CA ASN A 226 6.28 17.55 -2.03
C ASN A 226 5.95 16.04 -1.97
N SER A 227 5.55 15.55 -3.12
CA SER A 227 5.03 14.21 -3.20
C SER A 227 6.05 13.16 -2.70
N ASP A 228 7.33 13.51 -2.72
CA ASP A 228 8.38 12.63 -2.19
C ASP A 228 8.33 12.46 -0.68
N SER A 229 7.70 13.40 0.01
CA SER A 229 7.75 13.37 1.44
C SER A 229 6.58 12.50 1.92
N ARG A 230 5.73 12.07 1.00
CA ARG A 230 4.57 11.25 1.35
C ARG A 230 4.88 9.88 1.92
N PRO A 231 4.23 9.51 3.03
CA PRO A 231 4.46 8.11 3.46
C PRO A 231 3.92 7.13 2.43
N THR A 232 4.32 5.87 2.53
CA THR A 232 3.67 4.77 1.83
C THR A 232 2.14 4.87 1.76
N ASN A 233 1.62 4.51 0.60
CA ASN A 233 0.20 4.66 0.34
C ASN A 233 -0.51 3.72 1.32
N GLY A 234 -1.49 4.25 2.04
CA GLY A 234 -2.18 3.47 3.03
C GLY A 234 -1.66 3.54 4.46
N SER A 235 -0.54 4.23 4.71
CA SER A 235 -0.02 4.31 6.11
C SER A 235 -1.02 5.00 7.02
N LEU A 236 -1.10 4.51 8.23
CA LEU A 236 -1.78 5.26 9.30
C LEU A 236 -0.67 6.04 9.96
N VAL A 237 -0.74 7.36 9.96
CA VAL A 237 0.34 8.14 10.50
C VAL A 237 0.01 8.69 11.91
N LYS A 238 0.63 8.08 12.93
CA LYS A 238 0.46 8.49 14.32
C LYS A 238 1.30 9.73 14.61
N PHE A 239 0.78 10.65 15.40
CA PHE A 239 1.61 11.79 15.80
C PHE A 239 1.25 12.20 17.25
N GLU A 240 2.27 12.57 18.01
CA GLU A 240 2.17 12.90 19.39
C GLU A 240 3.21 14.00 19.65
N THR A 241 2.82 14.92 20.51
CA THR A 241 3.64 16.03 20.90
C THR A 241 4.06 15.79 22.39
N LYS A 242 5.31 16.08 22.71
CA LYS A 242 5.83 15.94 24.11
C LYS A 242 6.64 17.20 24.29
N SER A 243 6.22 18.06 25.22
CA SER A 243 6.86 19.37 25.51
C SER A 243 7.13 20.25 24.26
N LYS A 244 6.09 20.38 23.40
CA LYS A 244 6.17 21.09 22.12
C LYS A 244 6.99 20.44 20.97
N VAL A 245 7.47 19.20 21.08
CA VAL A 245 8.25 18.57 19.98
C VAL A 245 7.28 17.55 19.41
N THR A 246 6.94 17.65 18.15
CA THR A 246 5.94 16.71 17.60
C THR A 246 6.62 15.60 16.81
N THR A 247 6.27 14.34 17.06
CA THR A 247 6.86 13.24 16.31
C THR A 247 5.81 12.53 15.45
N TRP A 248 6.08 12.38 14.16
CA TRP A 248 5.15 11.68 13.27
C TRP A 248 5.71 10.32 12.96
N THR A 249 4.93 9.24 13.19
CA THR A 249 5.34 7.83 12.97
C THR A 249 4.40 7.11 11.97
N ASN A 250 4.93 6.67 10.84
CA ASN A 250 4.15 5.95 9.84
C ASN A 250 3.97 4.55 10.35
N LEU A 251 2.75 4.08 10.46
CA LEU A 251 2.53 2.70 10.73
C LEU A 251 1.93 2.02 9.48
N SER B 22 -31.50 -25.85 32.93
CA SER B 22 -32.16 -25.64 31.62
C SER B 22 -31.60 -24.35 30.99
N LYS B 23 -30.77 -24.54 29.97
CA LYS B 23 -29.89 -23.46 29.50
C LYS B 23 -30.57 -22.63 28.40
N ASN B 24 -30.28 -21.33 28.35
CA ASN B 24 -30.91 -20.47 27.38
C ASN B 24 -29.91 -19.87 26.35
N ILE B 25 -30.22 -20.01 25.07
CA ILE B 25 -29.48 -19.25 24.01
C ILE B 25 -30.35 -18.19 23.33
N LEU B 26 -29.74 -17.02 23.09
CA LEU B 26 -30.33 -15.93 22.30
C LEU B 26 -29.59 -15.77 20.97
N VAL B 27 -30.33 -15.66 19.85
CA VAL B 27 -29.71 -15.43 18.52
C VAL B 27 -30.32 -14.23 17.81
N LEU B 28 -29.52 -13.14 17.77
CA LEU B 28 -29.78 -11.94 16.97
C LEU B 28 -29.53 -12.37 15.54
N GLY B 29 -30.50 -12.10 14.66
CA GLY B 29 -30.49 -12.59 13.29
C GLY B 29 -30.97 -14.02 13.25
N GLY B 30 -31.70 -14.42 14.27
CA GLY B 30 -32.23 -15.79 14.34
C GLY B 30 -33.21 -16.23 13.25
N SER B 31 -33.60 -15.35 12.33
CA SER B 31 -34.34 -15.82 11.16
C SER B 31 -33.52 -15.98 9.90
N GLY B 32 -32.23 -15.66 9.94
CA GLY B 32 -31.41 -15.88 8.78
C GLY B 32 -30.98 -17.32 8.59
N ALA B 33 -30.11 -17.57 7.63
CA ALA B 33 -29.75 -18.95 7.31
C ALA B 33 -28.93 -19.56 8.45
N LEU B 34 -27.79 -18.94 8.77
CA LEU B 34 -27.01 -19.32 9.93
C LEU B 34 -27.84 -19.20 11.21
N GLY B 35 -28.47 -18.04 11.40
CA GLY B 35 -29.35 -17.84 12.55
C GLY B 35 -30.30 -18.98 12.87
N ALA B 36 -31.07 -19.45 11.87
CA ALA B 36 -32.12 -20.49 12.10
C ALA B 36 -31.47 -21.83 12.27
N GLU B 37 -30.38 -22.10 11.56
CA GLU B 37 -29.64 -23.32 11.87
C GLU B 37 -29.18 -23.32 13.35
N VAL B 38 -28.68 -22.20 13.87
CA VAL B 38 -28.23 -22.20 15.25
C VAL B 38 -29.42 -22.50 16.18
N VAL B 39 -30.57 -21.93 15.84
CA VAL B 39 -31.81 -22.26 16.51
C VAL B 39 -32.23 -23.71 16.32
N LYS B 40 -32.42 -24.19 15.09
CA LYS B 40 -32.84 -25.59 14.96
C LYS B 40 -31.93 -26.43 15.86
N PHE B 41 -30.62 -26.20 15.76
CA PHE B 41 -29.67 -27.09 16.45
C PHE B 41 -29.69 -27.05 17.98
N PHE B 42 -29.71 -25.87 18.60
CA PHE B 42 -29.69 -25.82 20.07
C PHE B 42 -31.05 -26.32 20.63
N LYS B 43 -32.04 -26.41 19.75
CA LYS B 43 -33.36 -26.84 20.14
C LYS B 43 -33.42 -28.35 20.16
N SER B 44 -32.75 -28.99 19.20
CA SER B 44 -32.69 -30.46 19.17
C SER B 44 -31.95 -30.97 20.40
N LYS B 45 -31.08 -30.12 20.95
CA LYS B 45 -30.29 -30.41 22.15
C LYS B 45 -30.91 -29.88 23.46
N SER B 46 -32.21 -29.54 23.39
CA SER B 46 -33.05 -29.18 24.55
C SER B 46 -32.64 -27.92 25.33
N TRP B 47 -31.86 -27.04 24.68
CA TRP B 47 -31.70 -25.67 25.19
C TRP B 47 -32.96 -24.89 24.80
N ASN B 48 -33.32 -23.90 25.60
CA ASN B 48 -34.38 -22.98 25.25
C ASN B 48 -33.84 -21.93 24.26
N THR B 49 -34.48 -21.80 23.10
CA THR B 49 -33.98 -20.92 22.05
C THR B 49 -34.85 -19.67 21.95
N ILE B 50 -34.17 -18.53 21.82
CA ILE B 50 -34.78 -17.21 21.68
C ILE B 50 -34.20 -16.49 20.43
N SER B 51 -35.08 -15.86 19.64
CA SER B 51 -34.68 -15.26 18.38
C SER B 51 -35.10 -13.81 18.16
N ILE B 52 -34.15 -12.97 17.72
CA ILE B 52 -34.48 -11.57 17.41
C ILE B 52 -34.20 -11.28 15.95
N ASP B 53 -35.19 -10.78 15.22
CA ASP B 53 -34.98 -10.50 13.80
C ASP B 53 -36.00 -9.48 13.26
N PHE B 54 -35.83 -9.04 12.01
CA PHE B 54 -36.85 -8.23 11.29
C PHE B 54 -38.07 -9.05 10.89
N ARG B 55 -37.97 -10.37 10.92
CA ARG B 55 -39.15 -11.23 10.69
C ARG B 55 -39.22 -12.33 11.73
N GLU B 56 -40.43 -12.84 11.97
CA GLU B 56 -40.64 -13.99 12.86
C GLU B 56 -39.81 -15.22 12.46
N ASN B 57 -39.35 -15.96 13.46
CA ASN B 57 -38.89 -17.33 13.29
C ASN B 57 -39.79 -18.18 14.16
N PRO B 58 -40.76 -18.88 13.53
CA PRO B 58 -41.77 -19.56 14.32
C PRO B 58 -41.27 -20.90 14.94
N ASN B 59 -40.01 -21.28 14.67
CA ASN B 59 -39.45 -22.55 15.17
C ASN B 59 -38.64 -22.45 16.47
N ALA B 60 -38.46 -21.22 16.95
CA ALA B 60 -37.82 -20.92 18.22
C ALA B 60 -38.85 -21.04 19.34
N ASP B 61 -38.41 -21.24 20.58
CA ASP B 61 -39.36 -21.31 21.70
C ASP B 61 -39.89 -19.92 22.01
N HIS B 62 -39.04 -18.90 21.83
CA HIS B 62 -39.45 -17.49 21.97
C HIS B 62 -38.91 -16.68 20.81
N SER B 63 -39.75 -15.80 20.25
CA SER B 63 -39.43 -15.14 18.97
C SER B 63 -39.90 -13.70 18.82
N PHE B 64 -38.95 -12.78 18.64
CA PHE B 64 -39.29 -11.35 18.63
C PHE B 64 -39.04 -10.62 17.34
N THR B 65 -39.86 -9.61 17.10
CA THR B 65 -39.63 -8.76 15.94
C THR B 65 -39.19 -7.37 16.37
N ILE B 66 -38.12 -6.89 15.76
CA ILE B 66 -37.78 -5.50 15.81
C ILE B 66 -38.00 -4.84 14.44
N LYS B 67 -38.22 -3.53 14.47
CA LYS B 67 -38.43 -2.71 13.28
C LYS B 67 -37.07 -2.28 12.70
N ASP B 68 -36.15 -1.90 13.59
CA ASP B 68 -34.75 -1.58 13.26
C ASP B 68 -33.82 -1.96 14.41
N SER B 69 -32.53 -1.67 14.26
CA SER B 69 -31.52 -1.87 15.30
C SER B 69 -31.27 -0.63 16.16
N GLY B 70 -32.24 0.28 16.23
CA GLY B 70 -32.10 1.55 16.91
C GLY B 70 -32.24 1.47 18.43
N GLU B 71 -31.81 2.49 19.14
CA GLU B 71 -31.90 2.46 20.60
C GLU B 71 -33.31 2.05 21.07
N GLU B 72 -34.34 2.80 20.66
CA GLU B 72 -35.72 2.47 21.09
C GLU B 72 -36.08 0.99 20.96
N GLU B 73 -35.86 0.41 19.78
CA GLU B 73 -36.25 -0.99 19.48
C GLU B 73 -35.43 -2.03 20.25
N ILE B 74 -34.17 -1.69 20.51
CA ILE B 74 -33.28 -2.54 21.27
C ILE B 74 -33.64 -2.58 22.76
N LYS B 75 -33.80 -1.41 23.39
CA LYS B 75 -34.33 -1.31 24.78
C LYS B 75 -35.67 -2.02 24.93
N SER B 76 -36.54 -1.84 23.95
CA SER B 76 -37.88 -2.39 24.03
C SER B 76 -37.86 -3.90 23.88
N VAL B 77 -36.85 -4.45 23.19
CA VAL B 77 -36.75 -5.88 23.11
C VAL B 77 -36.04 -6.44 24.36
N ILE B 78 -35.04 -5.75 24.89
CA ILE B 78 -34.43 -6.16 26.14
C ILE B 78 -35.44 -6.22 27.31
N GLU B 79 -36.34 -5.25 27.38
CA GLU B 79 -37.37 -5.23 28.43
C GLU B 79 -38.37 -6.43 28.35
N LYS B 80 -38.71 -6.85 27.12
CA LYS B 80 -39.61 -7.98 26.89
C LYS B 80 -39.05 -9.32 27.36
N ILE B 81 -37.72 -9.42 27.41
CA ILE B 81 -37.03 -10.65 27.79
C ILE B 81 -36.74 -10.63 29.32
N ASN B 82 -36.47 -9.44 29.85
CA ASN B 82 -36.44 -9.21 31.30
C ASN B 82 -37.81 -9.37 32.00
N SER B 83 -38.87 -9.54 31.22
CA SER B 83 -40.22 -9.70 31.77
C SER B 83 -40.55 -11.21 31.85
N LYS B 84 -39.90 -11.98 30.97
CA LYS B 84 -39.93 -13.43 31.01
C LYS B 84 -38.90 -13.96 32.01
N SER B 85 -38.18 -13.03 32.68
CA SER B 85 -37.27 -13.34 33.79
C SER B 85 -36.19 -14.36 33.36
N ILE B 86 -35.78 -14.31 32.10
CA ILE B 86 -34.72 -15.20 31.65
C ILE B 86 -33.45 -14.43 31.24
N LYS B 87 -32.34 -15.12 31.47
CA LYS B 87 -31.00 -14.60 31.30
C LYS B 87 -30.35 -15.63 30.42
N VAL B 88 -29.41 -15.20 29.57
CA VAL B 88 -28.91 -16.19 28.64
C VAL B 88 -27.52 -16.67 28.98
N ASP B 89 -27.26 -17.93 28.62
CA ASP B 89 -25.95 -18.53 28.77
C ASP B 89 -25.05 -18.37 27.54
N THR B 90 -25.66 -18.28 26.35
CA THR B 90 -24.93 -18.11 25.09
C THR B 90 -25.70 -17.11 24.27
N PHE B 91 -25.04 -16.07 23.80
CA PHE B 91 -25.62 -15.17 22.84
C PHE B 91 -24.79 -15.20 21.56
N VAL B 92 -25.46 -15.40 20.42
CA VAL B 92 -24.79 -15.34 19.12
C VAL B 92 -25.57 -14.32 18.31
N CYS B 93 -24.83 -13.42 17.69
CA CYS B 93 -25.29 -12.54 16.62
C CYS B 93 -24.97 -13.20 15.28
N ALA B 94 -26.00 -13.68 14.58
CA ALA B 94 -25.82 -14.19 13.22
C ALA B 94 -26.51 -13.27 12.24
N ALA B 95 -26.82 -12.06 12.70
CA ALA B 95 -27.26 -10.99 11.82
C ALA B 95 -26.08 -10.44 10.95
N GLY B 96 -26.45 -9.96 9.76
CA GLY B 96 -25.53 -9.28 8.86
C GLY B 96 -26.06 -9.28 7.43
N GLY B 97 -25.21 -8.90 6.48
CA GLY B 97 -25.60 -8.91 5.08
C GLY B 97 -24.38 -8.50 4.27
N TRP B 98 -24.44 -8.74 2.96
CA TRP B 98 -23.34 -8.44 2.06
C TRP B 98 -23.83 -7.60 0.90
N SER B 99 -23.08 -6.53 0.58
CA SER B 99 -23.23 -5.78 -0.66
C SER B 99 -21.86 -5.40 -1.16
N GLY B 100 -21.70 -5.31 -2.48
CA GLY B 100 -20.41 -5.02 -3.09
C GLY B 100 -20.18 -3.54 -3.37
N GLY B 101 -19.00 -3.22 -3.91
CA GLY B 101 -18.71 -1.91 -4.44
C GLY B 101 -17.48 -1.16 -3.91
N ASN B 102 -16.68 -0.65 -4.82
CA ASN B 102 -15.57 0.15 -4.42
C ASN B 102 -16.09 1.56 -4.40
N ALA B 103 -15.22 2.53 -4.14
CA ALA B 103 -15.66 3.92 -3.85
C ALA B 103 -16.24 4.63 -5.04
N SER B 104 -15.91 4.16 -6.25
CA SER B 104 -16.31 4.92 -7.42
C SER B 104 -17.49 4.18 -8.05
N SER B 105 -17.88 3.03 -7.49
CA SER B 105 -19.02 2.36 -8.05
C SER B 105 -20.36 3.13 -7.84
N ASP B 106 -21.35 2.82 -8.66
CA ASP B 106 -22.67 3.51 -8.63
C ASP B 106 -23.47 3.13 -7.40
N GLU B 107 -23.25 1.91 -6.97
CA GLU B 107 -23.90 1.36 -5.80
C GLU B 107 -23.17 1.73 -4.47
N PHE B 108 -22.05 2.44 -4.50
CA PHE B 108 -21.28 2.65 -3.29
C PHE B 108 -22.08 3.25 -2.12
N LEU B 109 -22.67 4.41 -2.34
CA LEU B 109 -23.39 5.11 -1.29
C LEU B 109 -24.53 4.30 -0.68
N LYS B 110 -25.24 3.52 -1.49
CA LYS B 110 -26.28 2.70 -0.98
C LYS B 110 -25.73 1.51 -0.21
N SER B 111 -24.57 0.97 -0.62
CA SER B 111 -23.99 -0.13 0.12
C SER B 111 -23.51 0.37 1.54
N VAL B 112 -23.08 1.61 1.66
CA VAL B 112 -22.77 2.23 2.95
C VAL B 112 -23.91 2.11 3.98
N LYS B 113 -25.10 2.63 3.64
CA LYS B 113 -26.25 2.55 4.54
C LYS B 113 -26.56 1.06 4.86
N GLY B 114 -26.49 0.22 3.88
CA GLY B 114 -27.05 -1.15 4.06
C GLY B 114 -26.08 -1.97 4.92
N MET B 115 -24.79 -1.78 4.73
CA MET B 115 -23.80 -2.51 5.54
C MET B 115 -23.76 -1.93 6.97
N ILE B 116 -23.95 -0.63 7.15
CA ILE B 116 -23.96 -0.07 8.51
C ILE B 116 -25.18 -0.59 9.26
N ASP B 117 -26.35 -0.61 8.60
CA ASP B 117 -27.55 -1.05 9.23
C ASP B 117 -27.52 -2.54 9.50
N MET B 118 -27.01 -3.31 8.55
CA MET B 118 -27.06 -4.75 8.72
C MET B 118 -25.92 -5.31 9.57
N ASN B 119 -24.75 -4.74 9.49
CA ASN B 119 -23.59 -5.36 10.14
C ASN B 119 -23.17 -4.61 11.40
N LEU B 120 -22.96 -3.32 11.30
CA LEU B 120 -22.57 -2.55 12.43
C LEU B 120 -23.62 -2.33 13.55
N TYR B 121 -24.83 -1.88 13.22
CA TYR B 121 -25.81 -1.61 14.22
C TYR B 121 -26.15 -2.89 14.96
N SER B 122 -26.16 -4.00 14.26
CA SER B 122 -26.47 -5.26 14.91
C SER B 122 -25.28 -5.65 15.82
N ALA B 123 -24.06 -5.32 15.40
CA ALA B 123 -22.94 -5.76 16.20
C ALA B 123 -23.05 -4.98 17.50
N PHE B 124 -23.44 -3.72 17.41
CA PHE B 124 -23.44 -2.79 18.54
C PHE B 124 -24.57 -3.14 19.46
N ALA B 125 -25.76 -3.39 18.89
CA ALA B 125 -26.97 -3.89 19.60
C ALA B 125 -26.62 -5.13 20.41
N SER B 126 -26.03 -6.12 19.75
CA SER B 126 -25.40 -7.27 20.42
C SER B 126 -24.61 -6.94 21.71
N ALA B 127 -23.75 -5.95 21.65
CA ALA B 127 -23.00 -5.59 22.81
C ALA B 127 -23.93 -5.21 23.96
N HIS B 128 -24.99 -4.47 23.64
CA HIS B 128 -25.83 -3.93 24.70
C HIS B 128 -26.66 -5.04 25.34
N ILE B 129 -27.32 -5.79 24.49
CA ILE B 129 -27.97 -7.02 24.80
C ILE B 129 -27.11 -7.99 25.62
N GLY B 130 -25.88 -8.22 25.22
CA GLY B 130 -25.00 -9.00 26.06
C GLY B 130 -24.82 -8.38 27.44
N ALA B 131 -24.70 -7.09 27.49
CA ALA B 131 -24.39 -6.46 28.76
C ALA B 131 -25.58 -6.54 29.76
N LYS B 132 -26.78 -6.82 29.26
CA LYS B 132 -27.98 -6.73 30.07
C LYS B 132 -28.58 -8.12 30.29
N LEU B 133 -28.38 -9.02 29.34
CA LEU B 133 -29.08 -10.26 29.33
C LEU B 133 -28.25 -11.48 29.59
N LEU B 134 -26.93 -11.35 29.51
CA LEU B 134 -26.07 -12.54 29.54
C LEU B 134 -25.70 -12.82 30.98
N ASN B 135 -25.72 -14.10 31.36
CA ASN B 135 -25.30 -14.54 32.67
C ASN B 135 -23.79 -14.44 32.84
N GLN B 136 -23.34 -14.35 34.09
CA GLN B 136 -21.94 -14.56 34.42
C GLN B 136 -21.51 -15.91 33.84
N GLY B 137 -20.25 -15.98 33.39
CA GLY B 137 -19.69 -17.16 32.74
C GLY B 137 -20.13 -17.42 31.30
N GLY B 138 -21.01 -16.58 30.76
CA GLY B 138 -21.65 -16.90 29.48
C GLY B 138 -20.78 -16.70 28.24
N LEU B 139 -21.29 -17.21 27.13
CA LEU B 139 -20.61 -17.12 25.85
C LEU B 139 -21.26 -16.04 25.01
N PHE B 140 -20.42 -15.15 24.44
CA PHE B 140 -20.87 -14.03 23.62
C PHE B 140 -20.15 -14.09 22.28
N VAL B 141 -20.89 -14.38 21.22
CA VAL B 141 -20.27 -14.62 19.93
C VAL B 141 -20.80 -13.65 18.89
N LEU B 142 -19.91 -12.85 18.28
CA LEU B 142 -20.23 -12.11 17.00
C LEU B 142 -19.72 -12.83 15.71
N THR B 143 -20.52 -12.82 14.65
CA THR B 143 -20.05 -13.22 13.34
C THR B 143 -19.35 -12.07 12.60
N GLY B 144 -18.05 -12.24 12.34
CA GLY B 144 -17.30 -11.26 11.57
C GLY B 144 -17.26 -11.70 10.13
N ALA B 145 -16.13 -11.45 9.47
CA ALA B 145 -15.77 -11.98 8.12
C ALA B 145 -14.27 -12.06 7.98
N SER B 146 -13.79 -13.23 7.57
CA SER B 146 -12.37 -13.46 7.29
C SER B 146 -11.84 -12.53 6.23
N ALA B 147 -12.68 -12.31 5.23
CA ALA B 147 -12.26 -11.35 4.20
C ALA B 147 -11.84 -10.00 4.81
N ALA B 148 -12.49 -9.56 5.87
CA ALA B 148 -12.16 -8.26 6.44
C ALA B 148 -10.82 -8.17 7.20
N LEU B 149 -10.13 -9.29 7.37
CA LEU B 149 -8.78 -9.27 7.91
C LEU B 149 -7.80 -8.78 6.87
N ASN B 150 -8.16 -8.80 5.58
CA ASN B 150 -7.32 -8.18 4.52
C ASN B 150 -8.05 -7.06 3.78
N ARG B 151 -7.47 -6.55 2.68
CA ARG B 151 -8.08 -5.49 1.88
C ARG B 151 -9.42 -5.94 1.24
N THR B 152 -10.40 -5.04 1.27
CA THR B 152 -11.76 -5.30 0.71
C THR B 152 -12.13 -4.17 -0.29
N SER B 153 -11.20 -3.86 -1.19
CA SER B 153 -11.33 -2.70 -2.03
C SER B 153 -12.53 -2.83 -3.01
N GLY B 154 -12.97 -4.07 -3.31
CA GLY B 154 -14.21 -4.39 -4.09
C GLY B 154 -15.50 -4.41 -3.28
N MET B 155 -15.36 -4.30 -1.94
CA MET B 155 -16.53 -4.24 -1.08
C MET B 155 -16.23 -3.43 0.15
N ILE B 156 -15.93 -2.14 -0.06
CA ILE B 156 -15.44 -1.26 1.00
C ILE B 156 -16.34 -1.20 2.26
N ALA B 157 -17.66 -1.08 2.08
CA ALA B 157 -18.54 -0.85 3.21
C ALA B 157 -18.64 -2.14 4.04
N TYR B 158 -18.68 -3.27 3.36
CA TYR B 158 -18.69 -4.55 4.03
C TYR B 158 -17.39 -4.76 4.80
N GLY B 159 -16.24 -4.55 4.17
CA GLY B 159 -14.97 -4.81 4.86
C GLY B 159 -14.82 -3.94 6.13
N ALA B 160 -15.27 -2.70 6.07
CA ALA B 160 -15.06 -1.72 7.12
C ALA B 160 -16.02 -1.96 8.26
N THR B 161 -17.27 -2.35 7.95
CA THR B 161 -18.20 -2.63 8.98
C THR B 161 -17.88 -3.98 9.67
N LYS B 162 -17.37 -4.92 8.91
CA LYS B 162 -16.89 -6.14 9.53
C LYS B 162 -15.62 -5.84 10.38
N ALA B 163 -14.72 -4.95 9.90
CA ALA B 163 -13.52 -4.66 10.67
C ALA B 163 -13.88 -4.03 12.04
N ALA B 164 -14.89 -3.16 12.04
CA ALA B 164 -15.52 -2.64 13.26
C ALA B 164 -16.12 -3.77 14.16
N THR B 165 -16.87 -4.71 13.59
CA THR B 165 -17.25 -5.97 14.28
C THR B 165 -16.10 -6.63 15.01
N HIS B 166 -14.95 -6.77 14.36
CA HIS B 166 -13.85 -7.46 14.99
C HIS B 166 -13.32 -6.63 16.15
N HIS B 167 -13.31 -5.31 15.97
CA HIS B 167 -12.88 -4.40 17.03
C HIS B 167 -13.78 -4.45 18.32
N ILE B 168 -15.08 -4.50 18.16
CA ILE B 168 -16.01 -4.62 19.24
C ILE B 168 -15.82 -5.97 20.03
N ILE B 169 -15.72 -7.09 19.33
CA ILE B 169 -15.45 -8.40 19.89
C ILE B 169 -14.24 -8.33 20.83
N LYS B 170 -13.16 -7.69 20.36
CA LYS B 170 -11.97 -7.56 21.18
C LYS B 170 -12.16 -6.62 22.43
N ASP B 171 -12.79 -5.45 22.24
CA ASP B 171 -13.15 -4.55 23.32
C ASP B 171 -13.97 -5.22 24.47
N LEU B 172 -14.88 -6.11 24.10
CA LEU B 172 -15.74 -6.76 25.05
C LEU B 172 -15.05 -7.89 25.83
N ALA B 173 -13.83 -8.23 25.43
CA ALA B 173 -13.02 -9.21 26.15
C ALA B 173 -12.36 -8.54 27.33
N SER B 174 -12.34 -7.22 27.39
CA SER B 174 -11.78 -6.50 28.55
C SER B 174 -12.67 -6.59 29.76
N GLU B 175 -12.02 -6.57 30.91
CA GLU B 175 -12.64 -6.50 32.21
C GLU B 175 -13.74 -5.43 32.21
N ASN B 176 -13.36 -4.21 31.80
CA ASN B 176 -14.24 -3.09 31.89
C ASN B 176 -15.14 -2.85 30.63
N GLY B 177 -15.28 -3.85 29.77
CA GLY B 177 -15.99 -3.66 28.50
C GLY B 177 -17.52 -3.63 28.61
N GLY B 178 -18.05 -4.13 29.73
CA GLY B 178 -19.48 -4.09 29.93
C GLY B 178 -20.11 -5.45 29.96
N LEU B 179 -19.43 -6.52 29.54
CA LEU B 179 -20.05 -7.84 29.77
C LEU B 179 -19.88 -8.36 31.21
N PRO B 180 -20.73 -9.31 31.69
CA PRO B 180 -20.54 -9.74 33.09
C PRO B 180 -19.23 -10.56 33.31
N ALA B 181 -18.80 -10.65 34.57
CA ALA B 181 -17.64 -11.47 35.00
C ALA B 181 -17.62 -12.88 34.44
N GLY B 182 -16.42 -13.33 34.06
CA GLY B 182 -16.18 -14.70 33.59
C GLY B 182 -16.66 -15.09 32.20
N SER B 183 -17.37 -14.15 31.56
CA SER B 183 -17.93 -14.36 30.23
C SER B 183 -16.81 -14.26 29.21
N THR B 184 -16.94 -15.01 28.12
CA THR B 184 -15.99 -15.03 27.03
C THR B 184 -16.62 -14.39 25.81
N SER B 185 -15.89 -13.42 25.23
CA SER B 185 -16.31 -12.75 24.01
C SER B 185 -15.43 -13.21 22.86
N LEU B 186 -16.07 -13.74 21.82
CA LEU B 186 -15.38 -14.42 20.69
C LEU B 186 -15.97 -13.91 19.40
N GLY B 187 -15.19 -14.03 18.32
CA GLY B 187 -15.63 -13.73 16.98
C GLY B 187 -15.53 -15.00 16.19
N ILE B 188 -16.59 -15.34 15.42
CA ILE B 188 -16.44 -16.39 14.38
C ILE B 188 -16.33 -15.70 12.99
N LEU B 189 -15.36 -16.11 12.18
CA LEU B 189 -15.05 -15.40 10.94
C LEU B 189 -15.01 -16.34 9.75
N PRO B 190 -16.16 -16.44 9.03
CA PRO B 190 -16.31 -17.29 7.89
C PRO B 190 -15.59 -16.72 6.67
N VAL B 191 -15.10 -17.66 5.86
CA VAL B 191 -14.56 -17.41 4.52
C VAL B 191 -15.85 -17.43 3.68
N THR B 192 -16.50 -18.61 3.60
CA THR B 192 -17.81 -18.78 2.94
C THR B 192 -18.75 -19.85 3.58
N LEU B 193 -20.02 -19.49 3.69
CA LEU B 193 -21.02 -20.34 4.30
C LEU B 193 -21.84 -21.08 3.21
N ASP B 194 -22.35 -22.28 3.52
CA ASP B 194 -23.18 -22.94 2.52
C ASP B 194 -24.65 -22.54 2.73
N THR B 195 -25.11 -21.55 1.97
CA THR B 195 -26.52 -21.07 2.07
C THR B 195 -27.21 -21.27 0.72
N PRO B 196 -28.54 -21.40 0.72
CA PRO B 196 -29.22 -21.48 -0.58
C PRO B 196 -28.88 -20.22 -1.43
N THR B 197 -29.01 -19.05 -0.82
CA THR B 197 -28.48 -17.80 -1.40
C THR B 197 -27.13 -17.90 -2.13
N ASN B 198 -26.03 -18.19 -1.41
CA ASN B 198 -24.75 -18.42 -2.04
C ASN B 198 -24.80 -19.41 -3.20
N ARG B 199 -25.67 -20.40 -3.09
CA ARG B 199 -25.72 -21.47 -4.07
C ARG B 199 -26.42 -20.94 -5.32
N LYS B 200 -27.39 -20.05 -5.12
CA LYS B 200 -28.08 -19.36 -6.22
C LYS B 200 -27.12 -18.43 -6.99
N TYR B 201 -26.52 -17.49 -6.26
CA TYR B 201 -25.72 -16.39 -6.85
C TYR B 201 -24.25 -16.69 -7.14
N MET B 202 -23.80 -17.90 -6.84
CA MET B 202 -22.46 -18.32 -7.15
C MET B 202 -22.55 -19.77 -7.49
N SER B 203 -23.45 -20.09 -8.42
CA SER B 203 -23.76 -21.46 -8.73
C SER B 203 -22.62 -22.23 -9.39
N ASP B 204 -21.60 -21.49 -9.85
CA ASP B 204 -20.43 -22.08 -10.51
C ASP B 204 -19.57 -22.81 -9.51
N ALA B 205 -19.64 -22.35 -8.25
CA ALA B 205 -18.54 -22.57 -7.32
C ALA B 205 -18.40 -24.03 -6.85
N ASN B 206 -17.24 -24.35 -6.27
CA ASN B 206 -17.11 -25.65 -5.62
C ASN B 206 -17.80 -25.58 -4.22
N PHE B 207 -19.00 -26.16 -4.08
CA PHE B 207 -19.73 -26.13 -2.81
C PHE B 207 -19.00 -26.86 -1.67
N ASP B 208 -18.10 -27.78 -2.01
CA ASP B 208 -17.27 -28.48 -1.02
C ASP B 208 -16.24 -27.60 -0.27
N ASP B 209 -16.01 -26.40 -0.77
CA ASP B 209 -15.14 -25.44 -0.11
C ASP B 209 -15.91 -24.43 0.82
N TRP B 210 -17.21 -24.65 0.99
CA TRP B 210 -18.07 -23.84 1.88
C TRP B 210 -18.46 -24.60 3.10
N THR B 211 -18.67 -23.86 4.19
CA THR B 211 -19.01 -24.38 5.47
C THR B 211 -20.47 -24.74 5.74
N PRO B 212 -20.77 -26.04 5.88
CA PRO B 212 -22.15 -26.37 6.31
C PRO B 212 -22.60 -25.54 7.53
N LEU B 213 -23.83 -25.09 7.55
CA LEU B 213 -24.24 -24.31 8.69
C LEU B 213 -24.26 -25.15 9.96
N SER B 214 -24.60 -26.44 9.84
CA SER B 214 -24.77 -27.31 11.03
C SER B 214 -23.44 -27.44 11.77
N GLU B 215 -22.35 -27.30 11.02
CA GLU B 215 -20.99 -27.31 11.54
C GLU B 215 -20.66 -26.13 12.38
N VAL B 216 -21.17 -24.98 11.98
CA VAL B 216 -21.04 -23.78 12.76
C VAL B 216 -21.86 -23.90 14.06
N ALA B 217 -23.10 -24.38 13.94
CA ALA B 217 -23.93 -24.56 15.07
C ALA B 217 -23.23 -25.54 16.01
N GLU B 218 -22.65 -26.60 15.46
CA GLU B 218 -21.95 -27.61 16.26
C GLU B 218 -20.86 -26.97 17.14
N LYS B 219 -19.92 -26.26 16.50
CA LYS B 219 -18.83 -25.63 17.23
C LYS B 219 -19.39 -24.70 18.31
N LEU B 220 -20.45 -23.97 17.96
CA LEU B 220 -21.10 -23.09 18.88
C LEU B 220 -21.66 -23.87 20.13
N PHE B 221 -22.23 -25.06 19.91
CA PHE B 221 -22.64 -25.96 21.01
C PHE B 221 -21.45 -26.42 21.86
N GLU B 222 -20.40 -26.91 21.21
CA GLU B 222 -19.15 -27.27 21.91
C GLU B 222 -18.77 -26.18 22.91
N TRP B 223 -18.68 -24.92 22.45
CA TRP B 223 -18.21 -23.83 23.31
C TRP B 223 -19.21 -23.54 24.41
N SER B 224 -20.47 -23.82 24.13
CA SER B 224 -21.55 -23.40 24.98
C SER B 224 -21.77 -24.41 26.15
N THR B 225 -21.40 -25.67 25.93
CA THR B 225 -21.59 -26.72 26.94
C THR B 225 -20.32 -26.98 27.73
N ASN B 226 -19.19 -26.64 27.15
CA ASN B 226 -17.91 -27.01 27.70
C ASN B 226 -16.97 -25.81 27.70
N SER B 227 -16.78 -25.21 28.87
CA SER B 227 -16.00 -23.98 29.01
C SER B 227 -14.52 -24.13 28.67
N ASP B 228 -13.97 -25.32 28.88
CA ASP B 228 -12.55 -25.65 28.61
C ASP B 228 -12.16 -25.57 27.13
N SER B 229 -13.14 -25.87 26.25
CA SER B 229 -12.96 -25.81 24.80
C SER B 229 -12.87 -24.39 24.20
N ARG B 230 -13.19 -23.36 25.00
CA ARG B 230 -13.18 -21.99 24.47
C ARG B 230 -11.80 -21.50 24.12
N PRO B 231 -11.68 -20.72 23.04
CA PRO B 231 -10.36 -20.15 22.94
C PRO B 231 -10.30 -18.95 23.85
N THR B 232 -9.08 -18.47 24.09
CA THR B 232 -8.83 -17.25 24.84
C THR B 232 -9.82 -16.14 24.49
N ASN B 233 -10.18 -15.38 25.52
CA ASN B 233 -11.12 -14.30 25.44
C ASN B 233 -10.71 -13.21 24.43
N GLY B 234 -11.58 -12.89 23.47
CA GLY B 234 -11.23 -11.86 22.47
C GLY B 234 -10.64 -12.46 21.21
N SER B 235 -10.61 -13.78 21.11
CA SER B 235 -10.13 -14.41 19.91
C SER B 235 -11.09 -14.16 18.75
N LEU B 236 -10.49 -13.79 17.62
CA LEU B 236 -11.16 -13.90 16.35
C LEU B 236 -10.82 -15.29 15.89
N VAL B 237 -11.85 -16.06 15.57
CA VAL B 237 -11.64 -17.41 15.08
C VAL B 237 -12.07 -17.61 13.64
N LYS B 238 -11.13 -17.82 12.76
CA LYS B 238 -11.42 -17.95 11.35
C LYS B 238 -11.71 -19.42 11.06
N PHE B 239 -12.73 -19.69 10.26
CA PHE B 239 -12.95 -21.01 9.71
C PHE B 239 -13.12 -21.02 8.22
N GLU B 240 -12.43 -21.99 7.64
CA GLU B 240 -12.39 -22.29 6.23
C GLU B 240 -12.58 -23.82 5.99
N THR B 241 -13.50 -24.14 5.09
CA THR B 241 -13.76 -25.49 4.63
C THR B 241 -13.01 -25.71 3.34
N LYS B 242 -12.36 -26.88 3.23
CA LYS B 242 -11.65 -27.32 2.03
C LYS B 242 -11.94 -28.80 1.82
N SER B 243 -12.52 -29.12 0.68
CA SER B 243 -12.94 -30.48 0.38
C SER B 243 -13.72 -31.11 1.57
N LYS B 244 -14.76 -30.44 2.01
CA LYS B 244 -15.65 -30.88 3.12
C LYS B 244 -15.06 -30.88 4.56
N VAL B 245 -13.76 -30.59 4.66
CA VAL B 245 -12.97 -30.54 5.91
C VAL B 245 -12.82 -29.09 6.37
N THR B 246 -13.41 -28.78 7.51
CA THR B 246 -13.33 -27.45 8.08
C THR B 246 -12.27 -27.29 9.14
N THR B 247 -11.45 -26.24 9.00
CA THR B 247 -10.36 -25.93 9.90
C THR B 247 -10.68 -24.61 10.59
N TRP B 248 -10.58 -24.62 11.91
CA TRP B 248 -10.81 -23.49 12.77
C TRP B 248 -9.47 -22.97 13.26
N THR B 249 -9.23 -21.67 13.10
CA THR B 249 -7.93 -21.08 13.45
C THR B 249 -8.13 -19.87 14.37
N ASN B 250 -7.54 -19.93 15.58
CA ASN B 250 -7.62 -18.79 16.51
C ASN B 250 -6.65 -17.67 16.19
N LEU B 251 -7.20 -16.48 15.88
CA LEU B 251 -6.48 -15.25 15.51
C LEU B 251 -6.85 -14.02 16.44
N SER C 22 3.22 -27.24 10.11
CA SER C 22 4.52 -26.52 10.21
C SER C 22 4.79 -25.51 9.06
N LYS C 23 5.61 -24.50 9.30
CA LYS C 23 5.78 -23.45 8.30
C LYS C 23 7.12 -23.39 7.63
N ASN C 24 7.07 -22.92 6.38
CA ASN C 24 8.25 -22.85 5.53
C ASN C 24 8.68 -21.37 5.28
N ILE C 25 9.96 -21.09 5.50
CA ILE C 25 10.55 -19.87 5.00
C ILE C 25 11.51 -20.21 3.85
N LEU C 26 11.52 -19.37 2.83
CA LEU C 26 12.48 -19.43 1.71
C LEU C 26 13.32 -18.19 1.72
N VAL C 27 14.64 -18.38 1.74
CA VAL C 27 15.58 -17.30 1.66
C VAL C 27 16.38 -17.33 0.36
N LEU C 28 16.22 -16.31 -0.51
CA LEU C 28 17.10 -16.24 -1.65
C LEU C 28 18.36 -15.56 -1.10
N GLY C 29 19.56 -16.01 -1.47
CA GLY C 29 20.77 -15.41 -0.81
C GLY C 29 21.01 -16.05 0.53
N GLY C 30 20.41 -17.23 0.69
CA GLY C 30 20.36 -17.97 1.95
C GLY C 30 21.71 -18.36 2.47
N SER C 31 22.78 -18.21 1.66
CA SER C 31 24.13 -18.49 2.20
C SER C 31 24.91 -17.27 2.57
N GLY C 32 24.39 -16.07 2.30
CA GLY C 32 25.17 -14.86 2.63
C GLY C 32 25.18 -14.60 4.13
N ALA C 33 25.73 -13.48 4.56
CA ALA C 33 25.82 -13.29 6.05
C ALA C 33 24.39 -13.12 6.69
N LEU C 34 23.56 -12.23 6.15
CA LEU C 34 22.22 -12.03 6.64
C LEU C 34 21.40 -13.27 6.36
N GLY C 35 21.40 -13.73 5.08
CA GLY C 35 20.58 -14.90 4.73
C GLY C 35 20.85 -16.13 5.63
N ALA C 36 22.13 -16.46 5.94
CA ALA C 36 22.42 -17.66 6.79
C ALA C 36 21.90 -17.43 8.19
N GLU C 37 21.93 -16.17 8.65
CA GLU C 37 21.43 -15.91 9.99
C GLU C 37 19.89 -16.04 10.05
N VAL C 38 19.20 -15.51 9.04
CA VAL C 38 17.77 -15.72 8.94
C VAL C 38 17.40 -17.23 8.90
N VAL C 39 18.09 -18.01 8.08
CA VAL C 39 17.92 -19.43 8.06
C VAL C 39 18.09 -20.06 9.49
N LYS C 40 19.22 -19.78 10.12
CA LYS C 40 19.56 -20.30 11.45
C LYS C 40 18.48 -19.83 12.38
N PHE C 41 18.09 -18.58 12.29
CA PHE C 41 17.15 -18.16 13.29
C PHE C 41 15.80 -18.87 13.12
N PHE C 42 15.28 -18.93 11.91
CA PHE C 42 13.96 -19.52 11.72
C PHE C 42 14.01 -21.05 12.03
N LYS C 43 15.13 -21.68 11.68
CA LYS C 43 15.35 -23.08 12.05
C LYS C 43 15.24 -23.31 13.55
N SER C 44 15.81 -22.44 14.39
CA SER C 44 15.71 -22.60 15.85
C SER C 44 14.30 -22.35 16.43
N LYS C 45 13.41 -21.76 15.65
CA LYS C 45 12.04 -21.60 15.99
C LYS C 45 11.22 -22.71 15.32
N SER C 46 11.87 -23.80 14.92
CA SER C 46 11.21 -24.97 14.36
C SER C 46 10.38 -24.66 13.10
N TRP C 47 10.84 -23.71 12.28
CA TRP C 47 10.30 -23.54 10.93
C TRP C 47 11.14 -24.39 10.00
N ASN C 48 10.52 -24.93 8.95
CA ASN C 48 11.28 -25.56 7.85
C ASN C 48 11.96 -24.48 6.96
N THR C 49 13.26 -24.61 6.70
CA THR C 49 13.99 -23.55 6.01
C THR C 49 14.55 -24.03 4.64
N ILE C 50 14.56 -23.12 3.66
CA ILE C 50 14.95 -23.45 2.29
C ILE C 50 15.88 -22.34 1.86
N SER C 51 17.08 -22.68 1.41
CA SER C 51 18.04 -21.65 1.06
C SER C 51 18.27 -21.73 -0.44
N ILE C 52 18.42 -20.59 -1.13
CA ILE C 52 18.75 -20.63 -2.55
C ILE C 52 19.89 -19.68 -2.74
N ASP C 53 21.00 -20.14 -3.29
CA ASP C 53 22.16 -19.29 -3.42
C ASP C 53 23.09 -19.83 -4.53
N PHE C 54 24.26 -19.22 -4.70
CA PHE C 54 25.23 -19.74 -5.65
C PHE C 54 26.12 -20.83 -5.04
N ARG C 55 25.91 -21.14 -3.76
CA ARG C 55 26.70 -22.16 -3.01
C ARG C 55 25.70 -22.75 -2.02
N GLU C 56 25.89 -23.99 -1.57
CA GLU C 56 24.93 -24.63 -0.70
C GLU C 56 24.92 -23.94 0.68
N ASN C 57 23.83 -24.10 1.40
CA ASN C 57 23.81 -23.82 2.84
C ASN C 57 23.58 -25.13 3.62
N PRO C 58 24.65 -25.68 4.25
CA PRO C 58 24.44 -27.05 4.83
C PRO C 58 23.60 -27.00 6.06
N ASN C 59 23.38 -25.83 6.61
CA ASN C 59 22.53 -25.65 7.77
C ASN C 59 21.08 -25.35 7.48
N ALA C 60 20.68 -25.27 6.22
CA ALA C 60 19.23 -25.18 5.89
C ALA C 60 18.60 -26.56 5.93
N ASP C 61 17.33 -26.66 6.25
CA ASP C 61 16.60 -27.94 6.05
C ASP C 61 16.62 -28.39 4.57
N HIS C 62 16.39 -27.49 3.64
CA HIS C 62 16.63 -27.77 2.21
C HIS C 62 17.50 -26.68 1.58
N SER C 63 18.46 -27.05 0.73
CA SER C 63 19.34 -26.06 0.17
C SER C 63 19.32 -26.26 -1.31
N PHE C 64 19.24 -25.21 -2.12
CA PHE C 64 19.37 -25.36 -3.55
C PHE C 64 20.49 -24.43 -4.03
N THR C 65 21.10 -24.84 -5.13
CA THR C 65 22.17 -24.09 -5.73
C THR C 65 21.76 -23.72 -7.12
N ILE C 66 21.90 -22.43 -7.44
CA ILE C 66 21.69 -21.91 -8.82
C ILE C 66 22.99 -21.47 -9.43
N LYS C 67 23.08 -21.58 -10.76
CA LYS C 67 24.29 -21.18 -11.48
C LYS C 67 24.23 -19.69 -11.75
N ASP C 68 23.04 -19.17 -12.08
CA ASP C 68 22.86 -17.72 -12.12
C ASP C 68 21.45 -17.44 -11.76
N SER C 69 21.11 -16.17 -11.93
CA SER C 69 19.84 -15.63 -11.63
C SER C 69 19.01 -15.44 -12.93
N GLY C 70 19.46 -15.99 -14.06
CA GLY C 70 18.71 -15.88 -15.31
C GLY C 70 17.40 -16.67 -15.38
N GLU C 71 16.66 -16.48 -16.47
CA GLU C 71 15.30 -17.09 -16.57
C GLU C 71 15.29 -18.60 -16.33
N GLU C 72 16.20 -19.31 -17.01
CA GLU C 72 16.29 -20.79 -16.92
C GLU C 72 16.56 -21.32 -15.54
N GLU C 73 17.62 -20.81 -14.89
CA GLU C 73 17.93 -21.24 -13.52
C GLU C 73 16.78 -20.95 -12.56
N ILE C 74 16.12 -19.78 -12.71
CA ILE C 74 15.04 -19.45 -11.80
C ILE C 74 13.84 -20.34 -12.03
N LYS C 75 13.42 -20.47 -13.30
CA LYS C 75 12.29 -21.33 -13.64
C LYS C 75 12.52 -22.75 -13.07
N SER C 76 13.74 -23.24 -13.27
CA SER C 76 14.09 -24.59 -12.80
C SER C 76 14.03 -24.66 -11.25
N VAL C 77 14.63 -23.68 -10.55
CA VAL C 77 14.60 -23.82 -9.07
C VAL C 77 13.17 -23.77 -8.53
N ILE C 78 12.30 -22.94 -9.11
CA ILE C 78 10.91 -22.86 -8.72
C ILE C 78 10.21 -24.18 -8.99
N GLU C 79 10.51 -24.79 -10.13
CA GLU C 79 9.83 -26.07 -10.46
C GLU C 79 10.21 -27.20 -9.48
N LYS C 80 11.45 -27.20 -9.02
CA LYS C 80 11.91 -28.19 -8.08
C LYS C 80 11.09 -28.06 -6.80
N ILE C 81 10.72 -26.84 -6.44
CA ILE C 81 10.02 -26.62 -5.20
C ILE C 81 8.53 -26.93 -5.41
N ASN C 82 7.95 -26.38 -6.48
CA ASN C 82 6.52 -26.53 -6.78
C ASN C 82 6.09 -28.00 -7.08
N SER C 83 7.00 -28.76 -7.71
CA SER C 83 6.80 -30.17 -8.00
C SER C 83 6.65 -31.04 -6.75
N LYS C 84 6.80 -30.43 -5.58
CA LYS C 84 6.77 -31.15 -4.30
C LYS C 84 5.60 -30.59 -3.47
N SER C 85 4.77 -29.82 -4.15
CA SER C 85 3.62 -29.12 -3.57
C SER C 85 3.98 -28.32 -2.30
N ILE C 86 5.14 -27.67 -2.31
CA ILE C 86 5.44 -26.84 -1.17
C ILE C 86 5.30 -25.34 -1.50
N LYS C 87 4.70 -24.65 -0.54
CA LYS C 87 4.44 -23.22 -0.54
C LYS C 87 5.06 -22.67 0.71
N VAL C 88 5.29 -21.36 0.76
CA VAL C 88 6.04 -20.82 1.87
C VAL C 88 5.26 -19.70 2.51
N ASP C 89 5.43 -19.55 3.81
CA ASP C 89 4.68 -18.55 4.56
C ASP C 89 5.42 -17.25 4.64
N THR C 90 6.74 -17.33 4.56
CA THR C 90 7.63 -16.19 4.45
C THR C 90 8.69 -16.35 3.36
N PHE C 91 8.88 -15.30 2.61
CA PHE C 91 9.94 -15.27 1.63
C PHE C 91 10.83 -14.08 1.95
N VAL C 92 12.14 -14.31 2.01
CA VAL C 92 13.11 -13.21 2.23
C VAL C 92 14.19 -13.22 1.15
N CYS C 93 14.43 -12.05 0.55
CA CYS C 93 15.56 -12.03 -0.35
C CYS C 93 16.68 -11.31 0.37
N ALA C 94 17.76 -12.01 0.71
CA ALA C 94 18.93 -11.37 1.36
C ALA C 94 20.10 -11.39 0.39
N ALA C 95 19.81 -11.68 -0.88
CA ALA C 95 20.81 -11.56 -1.93
C ALA C 95 21.23 -10.11 -2.13
N GLY C 96 22.49 -9.90 -2.46
CA GLY C 96 22.86 -8.59 -3.05
C GLY C 96 24.35 -8.36 -2.93
N GLY C 97 24.80 -7.13 -3.17
CA GLY C 97 26.23 -6.85 -3.12
C GLY C 97 26.44 -5.36 -3.40
N TRP C 98 27.65 -4.91 -3.16
CA TRP C 98 28.01 -3.50 -3.26
C TRP C 98 29.28 -3.37 -4.07
N SER C 99 29.33 -2.42 -4.99
CA SER C 99 30.64 -1.85 -5.43
C SER C 99 30.36 -0.38 -5.71
N GLY C 100 31.40 0.45 -5.68
CA GLY C 100 31.24 1.93 -5.79
C GLY C 100 31.61 2.44 -7.14
N GLY C 101 31.74 3.77 -7.27
CA GLY C 101 32.06 4.37 -8.54
C GLY C 101 31.02 5.40 -9.03
N ASN C 102 31.52 6.63 -9.25
CA ASN C 102 30.78 7.62 -9.97
C ASN C 102 30.92 7.38 -11.48
N ALA C 103 30.27 8.19 -12.31
CA ALA C 103 30.19 7.86 -13.75
C ALA C 103 31.52 8.03 -14.50
N SER C 104 32.43 8.80 -13.93
CA SER C 104 33.73 8.95 -14.59
C SER C 104 34.77 7.96 -14.05
N SER C 105 34.60 7.41 -12.86
CA SER C 105 35.62 6.48 -12.34
C SER C 105 35.98 5.28 -13.25
N ASP C 106 37.18 4.76 -13.06
CA ASP C 106 37.68 3.63 -13.88
C ASP C 106 36.91 2.31 -13.67
N GLU C 107 36.37 2.12 -12.47
CA GLU C 107 35.62 0.93 -12.19
C GLU C 107 34.11 1.03 -12.59
N PHE C 108 33.68 2.15 -13.16
CA PHE C 108 32.23 2.35 -13.38
C PHE C 108 31.53 1.21 -14.15
N LEU C 109 32.00 0.93 -15.35
CA LEU C 109 31.34 -0.03 -16.21
C LEU C 109 31.33 -1.43 -15.62
N LYS C 110 32.39 -1.82 -14.93
CA LYS C 110 32.37 -3.04 -14.16
C LYS C 110 31.35 -2.99 -13.00
N SER C 111 31.23 -1.88 -12.31
CA SER C 111 30.31 -1.84 -11.20
C SER C 111 28.83 -1.99 -11.77
N VAL C 112 28.61 -1.58 -13.00
CA VAL C 112 27.28 -1.70 -13.60
C VAL C 112 26.78 -3.13 -13.72
N LYS C 113 27.58 -3.93 -14.43
CA LYS C 113 27.30 -5.36 -14.49
C LYS C 113 27.16 -6.00 -13.11
N GLY C 114 28.16 -5.77 -12.22
CA GLY C 114 28.08 -6.37 -10.89
C GLY C 114 26.76 -6.06 -10.13
N MET C 115 26.33 -4.80 -10.16
CA MET C 115 25.18 -4.38 -9.40
C MET C 115 23.90 -4.89 -10.02
N ILE C 116 23.85 -4.96 -11.33
CA ILE C 116 22.64 -5.54 -11.98
C ILE C 116 22.51 -7.01 -11.61
N ASP C 117 23.63 -7.76 -11.60
CA ASP C 117 23.54 -9.24 -11.43
C ASP C 117 23.21 -9.60 -9.95
N MET C 118 23.83 -8.90 -9.00
CA MET C 118 23.68 -9.17 -7.62
C MET C 118 22.44 -8.61 -7.07
N ASN C 119 22.11 -7.37 -7.43
CA ASN C 119 20.97 -6.68 -6.73
C ASN C 119 19.65 -6.76 -7.56
N LEU C 120 19.75 -6.43 -8.82
CA LEU C 120 18.55 -6.24 -9.65
C LEU C 120 18.05 -7.60 -10.09
N TYR C 121 18.90 -8.44 -10.69
CA TYR C 121 18.41 -9.76 -11.07
C TYR C 121 17.84 -10.59 -9.92
N SER C 122 18.39 -10.46 -8.71
CA SER C 122 17.80 -11.18 -7.57
C SER C 122 16.50 -10.61 -7.14
N ALA C 123 16.31 -9.31 -7.25
CA ALA C 123 15.03 -8.74 -6.85
C ALA C 123 13.92 -9.22 -7.77
N PHE C 124 14.24 -9.27 -9.05
CA PHE C 124 13.22 -9.72 -10.04
C PHE C 124 12.96 -11.20 -9.88
N ALA C 125 14.00 -11.96 -9.59
CA ALA C 125 13.81 -13.41 -9.41
C ALA C 125 12.86 -13.65 -8.24
N SER C 126 13.12 -12.93 -7.14
CA SER C 126 12.27 -12.97 -5.97
C SER C 126 10.82 -12.76 -6.28
N ALA C 127 10.54 -11.77 -7.12
CA ALA C 127 9.16 -11.43 -7.44
C ALA C 127 8.47 -12.67 -8.04
N HIS C 128 9.15 -13.30 -9.00
CA HIS C 128 8.66 -14.55 -9.61
C HIS C 128 8.55 -15.65 -8.56
N ILE C 129 9.59 -15.83 -7.75
CA ILE C 129 9.51 -16.89 -6.76
C ILE C 129 8.36 -16.67 -5.76
N GLY C 130 8.15 -15.45 -5.31
CA GLY C 130 7.06 -15.17 -4.40
C GLY C 130 5.74 -15.40 -5.12
N ALA C 131 5.65 -14.95 -6.35
CA ALA C 131 4.41 -15.17 -7.06
C ALA C 131 4.04 -16.67 -7.17
N LYS C 132 5.03 -17.54 -7.43
CA LYS C 132 4.69 -18.95 -7.68
C LYS C 132 4.56 -19.76 -6.40
N LEU C 133 5.24 -19.33 -5.37
CA LEU C 133 5.42 -20.21 -4.22
C LEU C 133 4.89 -19.63 -2.94
N LEU C 134 4.59 -18.33 -2.91
CA LEU C 134 4.16 -17.75 -1.61
C LEU C 134 2.71 -18.24 -1.26
N ASN C 135 2.45 -18.52 0.03
CA ASN C 135 1.05 -18.75 0.49
C ASN C 135 0.26 -17.48 0.65
N GLN C 136 -1.04 -17.62 0.47
CA GLN C 136 -2.00 -16.62 0.87
C GLN C 136 -1.67 -16.01 2.22
N GLY C 137 -1.77 -14.69 2.35
CA GLY C 137 -1.42 -14.11 3.64
C GLY C 137 0.06 -14.19 4.04
N GLY C 138 0.98 -14.52 3.12
CA GLY C 138 2.39 -14.67 3.55
C GLY C 138 3.15 -13.34 3.44
N LEU C 139 4.39 -13.34 3.91
CA LEU C 139 5.15 -12.16 4.09
C LEU C 139 6.19 -12.24 2.99
N PHE C 140 6.53 -11.10 2.38
CA PHE C 140 7.42 -11.14 1.21
C PHE C 140 8.40 -10.00 1.44
N VAL C 141 9.69 -10.28 1.63
CA VAL C 141 10.56 -9.16 2.01
C VAL C 141 11.76 -9.13 1.08
N LEU C 142 12.09 -7.94 0.56
CA LEU C 142 13.34 -7.80 -0.19
C LEU C 142 14.27 -6.87 0.63
N THR C 143 15.59 -7.08 0.56
CA THR C 143 16.52 -6.18 1.18
C THR C 143 16.96 -5.04 0.21
N GLY C 144 16.64 -3.79 0.54
CA GLY C 144 17.05 -2.62 -0.22
C GLY C 144 18.33 -2.04 0.35
N ALA C 145 18.45 -0.72 0.38
CA ALA C 145 19.55 -0.01 0.94
C ALA C 145 19.04 1.37 1.29
N SER C 146 19.25 1.70 2.56
CA SER C 146 18.97 3.00 3.06
C SER C 146 19.57 4.07 2.19
N ALA C 147 20.78 3.86 1.70
CA ALA C 147 21.43 4.90 0.84
C ALA C 147 20.64 5.26 -0.43
N ALA C 148 19.90 4.30 -0.93
CA ALA C 148 19.25 4.61 -2.20
C ALA C 148 18.03 5.48 -2.00
N LEU C 149 17.67 5.73 -0.75
CA LEU C 149 16.64 6.76 -0.48
C LEU C 149 17.08 8.18 -0.87
N ASN C 150 18.40 8.39 -1.06
CA ASN C 150 18.95 9.72 -1.37
C ASN C 150 19.92 9.63 -2.53
N ARG C 151 20.67 10.67 -2.83
CA ARG C 151 21.63 10.63 -3.89
C ARG C 151 22.75 9.64 -3.56
N THR C 152 23.30 9.03 -4.64
CA THR C 152 24.32 8.01 -4.54
C THR C 152 25.31 8.23 -5.64
N SER C 153 25.66 9.50 -5.85
CA SER C 153 26.62 9.95 -6.84
C SER C 153 27.94 9.23 -6.82
N GLY C 154 28.41 8.83 -5.64
CA GLY C 154 29.70 8.13 -5.59
C GLY C 154 29.52 6.62 -5.81
N MET C 155 28.28 6.20 -5.99
CA MET C 155 28.00 4.74 -6.18
C MET C 155 26.72 4.58 -7.02
N ILE C 156 26.80 5.06 -8.24
CA ILE C 156 25.68 5.18 -9.16
C ILE C 156 24.93 3.86 -9.47
N ALA C 157 25.67 2.81 -9.83
CA ALA C 157 25.14 1.49 -10.09
C ALA C 157 24.48 0.89 -8.88
N TYR C 158 25.10 0.99 -7.70
CA TYR C 158 24.48 0.45 -6.52
C TYR C 158 23.19 1.16 -6.17
N GLY C 159 23.21 2.49 -6.16
CA GLY C 159 22.04 3.30 -5.83
C GLY C 159 20.91 3.01 -6.80
N ALA C 160 21.21 2.82 -8.07
CA ALA C 160 20.12 2.79 -9.07
C ALA C 160 19.50 1.42 -9.06
N THR C 161 20.32 0.40 -8.78
CA THR C 161 19.78 -0.98 -8.71
C THR C 161 18.98 -1.15 -7.43
N LYS C 162 19.49 -0.57 -6.33
CA LYS C 162 18.70 -0.56 -5.09
C LYS C 162 17.45 0.29 -5.28
N ALA C 163 17.52 1.43 -5.99
CA ALA C 163 16.27 2.17 -6.20
C ALA C 163 15.29 1.31 -7.00
N ALA C 164 15.72 0.54 -8.00
CA ALA C 164 14.79 -0.35 -8.73
C ALA C 164 14.17 -1.41 -7.79
N THR C 165 14.95 -1.89 -6.84
CA THR C 165 14.50 -2.93 -5.88
C THR C 165 13.39 -2.32 -5.03
N HIS C 166 13.55 -1.06 -4.64
CA HIS C 166 12.54 -0.44 -3.77
C HIS C 166 11.26 -0.29 -4.60
N HIS C 167 11.38 0.03 -5.89
CA HIS C 167 10.21 0.16 -6.73
C HIS C 167 9.44 -1.17 -6.84
N ILE C 168 10.17 -2.27 -6.93
CA ILE C 168 9.54 -3.55 -7.14
C ILE C 168 8.75 -3.92 -5.86
N ILE C 169 9.35 -3.63 -4.70
CA ILE C 169 8.64 -3.81 -3.39
C ILE C 169 7.26 -3.18 -3.46
N LYS C 170 7.20 -1.90 -3.88
CA LYS C 170 5.90 -1.21 -3.98
C LYS C 170 4.95 -1.78 -5.03
N ASP C 171 5.43 -2.14 -6.21
CA ASP C 171 4.60 -2.86 -7.14
C ASP C 171 4.03 -4.21 -6.59
N LEU C 172 4.80 -4.96 -5.82
CA LEU C 172 4.31 -6.24 -5.31
C LEU C 172 3.30 -6.14 -4.12
N ALA C 173 3.18 -4.91 -3.59
CA ALA C 173 2.28 -4.50 -2.50
C ALA C 173 0.92 -4.39 -3.13
N SER C 174 0.90 -4.26 -4.45
CA SER C 174 -0.33 -4.08 -5.13
C SER C 174 -1.10 -5.35 -5.36
N GLU C 175 -2.43 -5.24 -5.23
CA GLU C 175 -3.33 -6.41 -5.48
C GLU C 175 -3.16 -7.05 -6.85
N ASN C 176 -2.72 -6.26 -7.79
CA ASN C 176 -2.55 -6.75 -9.16
C ASN C 176 -1.05 -7.07 -9.48
N GLY C 177 -0.19 -7.09 -8.45
CA GLY C 177 1.26 -7.24 -8.69
C GLY C 177 1.71 -8.68 -8.98
N GLY C 178 0.94 -9.66 -8.51
CA GLY C 178 1.29 -11.04 -8.71
C GLY C 178 1.30 -11.90 -7.46
N LEU C 179 1.54 -11.28 -6.30
CA LEU C 179 1.54 -12.01 -5.03
C LEU C 179 0.13 -12.52 -4.69
N PRO C 180 0.02 -13.60 -3.89
CA PRO C 180 -1.28 -14.08 -3.43
C PRO C 180 -2.06 -13.03 -2.60
N ALA C 181 -3.40 -13.18 -2.57
CA ALA C 181 -4.25 -12.38 -1.66
C ALA C 181 -3.71 -12.38 -0.25
N GLY C 182 -3.84 -11.27 0.44
CA GLY C 182 -3.44 -11.17 1.82
C GLY C 182 -1.96 -11.06 2.04
N SER C 183 -1.17 -11.11 0.99
CA SER C 183 0.28 -11.05 1.23
C SER C 183 0.77 -9.63 1.57
N THR C 184 1.93 -9.53 2.22
CA THR C 184 2.49 -8.24 2.59
C THR C 184 3.87 -8.19 1.95
N SER C 185 4.12 -7.14 1.19
CA SER C 185 5.40 -6.93 0.51
C SER C 185 6.17 -5.78 1.19
N LEU C 186 7.37 -6.05 1.74
CA LEU C 186 8.15 -5.02 2.47
C LEU C 186 9.58 -4.97 2.02
N GLY C 187 10.22 -3.81 2.10
CA GLY C 187 11.62 -3.73 1.99
C GLY C 187 12.21 -3.47 3.37
N ILE C 188 13.38 -4.11 3.67
CA ILE C 188 14.14 -3.71 4.81
C ILE C 188 15.37 -3.00 4.30
N LEU C 189 15.67 -1.79 4.78
CA LEU C 189 16.72 -0.95 4.22
C LEU C 189 17.76 -0.76 5.27
N PRO C 190 18.84 -1.57 5.23
CA PRO C 190 19.89 -1.47 6.19
C PRO C 190 20.72 -0.22 5.93
N VAL C 191 21.41 0.22 7.00
CA VAL C 191 22.41 1.28 6.93
C VAL C 191 23.74 0.48 7.04
N THR C 192 24.01 -0.11 8.20
CA THR C 192 25.20 -0.95 8.33
C THR C 192 24.91 -2.22 9.12
N LEU C 193 25.28 -3.35 8.57
CA LEU C 193 25.00 -4.55 9.30
C LEU C 193 26.29 -5.02 10.00
N ASP C 194 26.17 -5.74 11.12
CA ASP C 194 27.35 -6.41 11.75
C ASP C 194 27.69 -7.76 11.10
N THR C 195 28.43 -7.75 10.00
CA THR C 195 28.84 -9.00 9.29
C THR C 195 30.32 -9.37 9.56
N PRO C 196 30.66 -10.68 9.45
CA PRO C 196 32.10 -10.98 9.65
C PRO C 196 32.95 -10.13 8.73
N THR C 197 32.44 -9.79 7.55
CA THR C 197 33.21 -8.98 6.60
C THR C 197 33.47 -7.56 7.12
N ASN C 198 32.45 -6.89 7.64
CA ASN C 198 32.65 -5.58 8.24
C ASN C 198 33.56 -5.61 9.48
N ARG C 199 33.48 -6.69 10.29
CA ARG C 199 34.28 -6.86 11.50
C ARG C 199 35.73 -6.95 11.13
N LYS C 200 35.97 -7.53 9.97
CA LYS C 200 37.31 -7.75 9.51
C LYS C 200 37.92 -6.45 8.94
N TYR C 201 37.13 -5.64 8.26
CA TYR C 201 37.72 -4.59 7.42
C TYR C 201 37.45 -3.12 7.75
N MET C 202 36.47 -2.85 8.60
CA MET C 202 36.19 -1.46 8.91
C MET C 202 37.09 -0.89 10.04
N SER C 203 37.98 0.00 9.62
CA SER C 203 38.99 0.64 10.45
C SER C 203 38.33 1.38 11.62
N ASP C 204 38.88 1.18 12.81
CA ASP C 204 38.34 1.72 14.06
C ASP C 204 36.83 1.57 14.09
N ALA C 205 36.37 0.38 13.72
CA ALA C 205 34.93 0.02 13.71
C ALA C 205 34.15 0.52 14.96
N ASN C 206 33.14 1.35 14.78
CA ASN C 206 32.18 1.54 15.86
C ASN C 206 31.06 0.47 15.82
N PHE C 207 31.40 -0.72 16.34
CA PHE C 207 30.51 -1.90 16.29
C PHE C 207 29.09 -1.63 16.79
N ASP C 208 29.02 -0.78 17.79
CA ASP C 208 27.77 -0.37 18.41
C ASP C 208 26.85 0.40 17.46
N ASP C 209 27.33 0.89 16.32
CA ASP C 209 26.47 1.55 15.33
C ASP C 209 26.09 0.58 14.20
N TRP C 210 26.27 -0.73 14.42
CA TRP C 210 25.99 -1.74 13.37
C TRP C 210 24.86 -2.63 13.81
N THR C 211 23.93 -3.01 12.93
CA THR C 211 22.80 -3.84 13.38
C THR C 211 23.17 -5.32 13.52
N PRO C 212 22.91 -5.95 14.68
CA PRO C 212 23.18 -7.39 14.72
C PRO C 212 22.24 -8.15 13.77
N LEU C 213 22.80 -9.19 13.11
CA LEU C 213 22.08 -9.98 12.12
C LEU C 213 20.93 -10.67 12.81
N SER C 214 21.15 -11.05 14.06
CA SER C 214 20.07 -11.74 14.79
C SER C 214 18.92 -10.78 15.09
N GLU C 215 19.20 -9.48 15.21
CA GLU C 215 18.11 -8.56 15.37
C GLU C 215 17.30 -8.42 14.09
N VAL C 216 17.97 -8.44 12.94
CA VAL C 216 17.21 -8.41 11.70
C VAL C 216 16.34 -9.66 11.60
N ALA C 217 16.96 -10.83 11.78
CA ALA C 217 16.18 -12.10 11.82
C ALA C 217 14.96 -12.08 12.76
N GLU C 218 15.17 -11.58 13.96
CA GLU C 218 14.09 -11.46 14.96
C GLU C 218 12.87 -10.66 14.47
N LYS C 219 13.15 -9.51 13.85
CA LYS C 219 12.13 -8.66 13.27
C LYS C 219 11.35 -9.38 12.20
N LEU C 220 12.03 -10.11 11.36
CA LEU C 220 11.38 -10.85 10.27
C LEU C 220 10.48 -11.94 10.83
N PHE C 221 10.94 -12.58 11.90
CA PHE C 221 10.19 -13.61 12.59
C PHE C 221 8.96 -13.03 13.22
N GLU C 222 9.11 -11.94 13.96
CA GLU C 222 7.95 -11.19 14.50
C GLU C 222 6.87 -10.92 13.41
N TRP C 223 7.24 -10.29 12.28
CA TRP C 223 6.29 -10.04 11.20
C TRP C 223 5.79 -11.32 10.67
N SER C 224 6.60 -12.38 10.76
CA SER C 224 6.21 -13.65 10.21
C SER C 224 5.13 -14.28 11.08
N THR C 225 5.21 -14.08 12.39
CA THR C 225 4.33 -14.80 13.29
C THR C 225 3.15 -14.02 13.80
N ASN C 226 3.26 -12.69 13.82
CA ASN C 226 2.24 -11.78 14.32
C ASN C 226 1.86 -10.81 13.18
N SER C 227 0.89 -11.20 12.36
CA SER C 227 0.42 -10.39 11.28
C SER C 227 0.18 -8.91 11.63
N ASP C 228 -0.31 -8.65 12.84
CA ASP C 228 -0.64 -7.31 13.25
C ASP C 228 0.58 -6.45 13.52
N SER C 229 1.79 -7.04 13.62
CA SER C 229 3.01 -6.25 13.78
C SER C 229 3.51 -5.71 12.43
N ARG C 230 2.92 -6.20 11.36
CA ARG C 230 3.37 -5.78 10.03
C ARG C 230 3.04 -4.34 9.71
N PRO C 231 4.06 -3.62 9.27
CA PRO C 231 3.76 -2.28 8.78
C PRO C 231 2.93 -2.38 7.49
N THR C 232 2.40 -1.24 7.10
CA THR C 232 1.60 -1.05 5.93
C THR C 232 2.27 -1.71 4.73
N ASN C 233 1.44 -2.38 3.93
CA ASN C 233 1.88 -3.13 2.76
C ASN C 233 2.63 -2.19 1.81
N GLY C 234 3.88 -2.49 1.42
CA GLY C 234 4.57 -1.65 0.49
C GLY C 234 5.62 -0.73 1.18
N SER C 235 5.68 -0.76 2.50
CA SER C 235 6.57 0.15 3.22
C SER C 235 8.03 -0.21 3.01
N LEU C 236 8.87 0.79 2.97
CA LEU C 236 10.28 0.50 2.93
C LEU C 236 10.70 0.77 4.37
N VAL C 237 11.19 -0.26 5.04
CA VAL C 237 11.51 -0.10 6.46
C VAL C 237 13.05 0.08 6.61
N LYS C 238 13.48 1.29 6.80
CA LYS C 238 14.87 1.57 7.12
C LYS C 238 15.12 1.19 8.54
N PHE C 239 16.31 0.66 8.79
CA PHE C 239 16.72 0.41 10.18
C PHE C 239 18.16 0.72 10.42
N GLU C 240 18.41 1.25 11.59
CA GLU C 240 19.61 1.86 11.89
C GLU C 240 19.91 1.65 13.40
N THR C 241 21.17 1.31 13.66
CA THR C 241 21.61 1.11 15.00
C THR C 241 22.53 2.23 15.50
N LYS C 242 22.25 2.73 16.73
CA LYS C 242 23.04 3.78 17.38
C LYS C 242 23.29 3.38 18.84
N SER C 243 24.56 3.37 19.27
CA SER C 243 24.89 2.95 20.63
C SER C 243 24.04 1.74 20.98
N LYS C 244 24.02 0.76 20.08
CA LYS C 244 23.35 -0.54 20.36
C LYS C 244 21.81 -0.47 20.32
N VAL C 245 21.26 0.72 20.09
CA VAL C 245 19.81 0.80 19.94
C VAL C 245 19.41 0.75 18.43
N THR C 246 18.61 -0.26 18.04
CA THR C 246 18.07 -0.32 16.67
C THR C 246 16.65 0.28 16.48
N THR C 247 16.52 1.32 15.62
CA THR C 247 15.26 1.95 15.23
C THR C 247 14.83 1.50 13.80
N TRP C 248 13.58 1.03 13.65
CA TRP C 248 12.93 0.61 12.43
C TRP C 248 12.00 1.80 12.11
N THR C 249 12.24 2.46 11.00
CA THR C 249 11.43 3.57 10.55
C THR C 249 10.71 3.17 9.25
N ASN C 250 9.39 3.12 9.27
CA ASN C 250 8.64 2.77 8.07
C ASN C 250 8.61 3.99 7.17
N LEU C 251 9.07 3.89 5.94
CA LEU C 251 9.10 5.02 5.02
C LEU C 251 8.41 4.64 3.71
N SER D 22 31.29 24.69 -34.68
CA SER D 22 30.29 23.63 -35.01
C SER D 22 30.00 22.86 -33.72
N LYS D 23 28.71 22.73 -33.41
CA LYS D 23 28.27 22.07 -32.18
C LYS D 23 27.82 20.64 -32.43
N ASN D 24 28.15 19.77 -31.48
CA ASN D 24 28.01 18.33 -31.65
C ASN D 24 26.92 17.78 -30.70
N ILE D 25 25.97 17.02 -31.25
CA ILE D 25 25.00 16.30 -30.42
C ILE D 25 25.22 14.79 -30.59
N LEU D 26 25.18 14.05 -29.48
CA LEU D 26 25.27 12.58 -29.57
C LEU D 26 23.95 11.99 -29.12
N VAL D 27 23.41 11.10 -29.95
CA VAL D 27 22.20 10.42 -29.56
C VAL D 27 22.47 8.91 -29.42
N LEU D 28 22.42 8.40 -28.19
CA LEU D 28 22.44 6.94 -28.03
C LEU D 28 21.02 6.42 -28.34
N GLY D 29 20.85 5.38 -29.14
CA GLY D 29 19.48 5.03 -29.63
C GLY D 29 19.07 5.89 -30.85
N GLY D 30 20.10 6.42 -31.51
CA GLY D 30 19.91 7.34 -32.60
C GLY D 30 19.22 6.76 -33.83
N SER D 31 18.89 5.46 -33.85
CA SER D 31 18.11 4.91 -34.99
C SER D 31 16.68 4.60 -34.62
N GLY D 32 16.33 4.81 -33.35
CA GLY D 32 14.97 4.58 -32.89
C GLY D 32 14.06 5.67 -33.48
N ALA D 33 12.76 5.55 -33.26
CA ALA D 33 11.81 6.52 -33.71
C ALA D 33 12.19 7.87 -33.07
N LEU D 34 12.22 7.98 -31.73
CA LEU D 34 12.53 9.30 -31.17
C LEU D 34 13.96 9.65 -31.53
N GLY D 35 14.88 8.69 -31.38
CA GLY D 35 16.27 8.96 -31.67
C GLY D 35 16.52 9.57 -33.04
N ALA D 36 15.90 8.98 -34.07
CA ALA D 36 16.06 9.42 -35.47
C ALA D 36 15.50 10.80 -35.72
N GLU D 37 14.36 11.10 -35.09
CA GLU D 37 13.77 12.41 -35.19
C GLU D 37 14.66 13.51 -34.54
N VAL D 38 15.31 13.17 -33.43
CA VAL D 38 16.20 14.12 -32.75
C VAL D 38 17.39 14.43 -33.65
N VAL D 39 18.01 13.39 -34.18
CA VAL D 39 19.07 13.57 -35.18
C VAL D 39 18.63 14.47 -36.36
N LYS D 40 17.50 14.11 -36.97
CA LYS D 40 17.02 14.86 -38.13
C LYS D 40 16.78 16.32 -37.74
N PHE D 41 16.11 16.51 -36.60
CA PHE D 41 15.79 17.85 -36.20
C PHE D 41 17.06 18.69 -36.02
N PHE D 42 18.06 18.14 -35.32
CA PHE D 42 19.29 18.90 -35.07
C PHE D 42 20.14 19.10 -36.34
N LYS D 43 20.10 18.13 -37.25
CA LYS D 43 20.73 18.31 -38.56
C LYS D 43 20.22 19.57 -39.25
N SER D 44 18.90 19.78 -39.21
CA SER D 44 18.33 20.88 -39.98
C SER D 44 18.71 22.23 -39.39
N LYS D 45 19.28 22.22 -38.18
CA LYS D 45 19.69 23.49 -37.57
C LYS D 45 21.22 23.57 -37.57
N SER D 46 21.87 22.80 -38.42
CA SER D 46 23.32 22.95 -38.60
C SER D 46 24.11 22.59 -37.35
N TRP D 47 23.62 21.61 -36.59
CA TRP D 47 24.47 20.93 -35.63
C TRP D 47 25.02 19.69 -36.28
N ASN D 48 26.18 19.26 -35.79
CA ASN D 48 26.82 18.01 -36.16
C ASN D 48 26.23 16.86 -35.36
N THR D 49 25.81 15.81 -36.05
CA THR D 49 25.07 14.79 -35.37
C THR D 49 25.80 13.44 -35.32
N ILE D 50 25.77 12.76 -34.17
CA ILE D 50 26.44 11.48 -33.99
C ILE D 50 25.40 10.48 -33.44
N SER D 51 25.31 9.30 -34.04
CA SER D 51 24.35 8.31 -33.55
C SER D 51 25.06 7.04 -33.06
N ILE D 52 24.55 6.44 -32.00
CA ILE D 52 25.01 5.13 -31.55
C ILE D 52 23.77 4.31 -31.40
N ASP D 53 23.75 3.14 -32.03
CA ASP D 53 22.63 2.24 -31.91
C ASP D 53 23.11 0.84 -32.32
N PHE D 54 22.21 -0.17 -32.34
CA PHE D 54 22.55 -1.51 -32.79
C PHE D 54 22.42 -1.64 -34.30
N ARG D 55 21.97 -0.56 -34.93
CA ARG D 55 22.02 -0.40 -36.38
C ARG D 55 22.36 1.04 -36.80
N GLU D 56 22.91 1.16 -38.00
CA GLU D 56 23.35 2.45 -38.52
C GLU D 56 22.19 3.43 -38.69
N ASN D 57 22.50 4.69 -38.51
CA ASN D 57 21.61 5.73 -39.02
C ASN D 57 22.39 6.49 -40.09
N PRO D 58 22.14 6.17 -41.38
CA PRO D 58 22.87 6.79 -42.52
C PRO D 58 22.61 8.28 -42.66
N ASN D 59 21.70 8.81 -41.84
CA ASN D 59 21.33 10.21 -41.94
C ASN D 59 21.95 11.05 -40.83
N ALA D 60 22.48 10.38 -39.81
CA ALA D 60 23.43 11.03 -38.88
C ALA D 60 24.73 11.38 -39.64
N ASP D 61 25.38 12.49 -39.26
CA ASP D 61 26.73 12.85 -39.81
C ASP D 61 27.76 11.76 -39.52
N HIS D 62 27.71 11.16 -38.32
CA HIS D 62 28.51 9.97 -37.98
C HIS D 62 27.64 8.95 -37.32
N SER D 63 27.74 7.70 -37.77
CA SER D 63 26.96 6.65 -37.18
C SER D 63 27.91 5.57 -36.65
N PHE D 64 27.71 5.18 -35.40
CA PHE D 64 28.46 4.07 -34.81
C PHE D 64 27.50 2.97 -34.43
N THR D 65 27.95 1.75 -34.67
CA THR D 65 27.19 0.56 -34.38
C THR D 65 27.87 -0.13 -33.22
N ILE D 66 27.06 -0.55 -32.25
CA ILE D 66 27.52 -1.37 -31.14
C ILE D 66 26.79 -2.71 -31.16
N LYS D 67 27.49 -3.72 -30.65
CA LYS D 67 27.06 -5.11 -30.64
C LYS D 67 26.20 -5.40 -29.40
N ASP D 68 26.55 -4.77 -28.29
CA ASP D 68 25.78 -4.95 -27.06
C ASP D 68 26.03 -3.73 -26.23
N SER D 69 25.49 -3.72 -25.01
CA SER D 69 25.62 -2.53 -24.20
C SER D 69 26.66 -2.67 -23.09
N GLY D 70 27.41 -3.78 -23.11
CA GLY D 70 28.42 -4.12 -22.09
C GLY D 70 29.70 -3.34 -22.06
N GLU D 71 30.55 -3.64 -21.11
CA GLU D 71 31.72 -2.80 -20.87
C GLU D 71 32.63 -2.55 -22.12
N GLU D 72 32.94 -3.62 -22.84
CA GLU D 72 33.88 -3.52 -23.99
C GLU D 72 33.35 -2.78 -25.18
N GLU D 73 32.09 -3.03 -25.55
CA GLU D 73 31.47 -2.22 -26.61
C GLU D 73 31.42 -0.71 -26.30
N ILE D 74 31.12 -0.35 -25.06
CA ILE D 74 31.01 1.05 -24.72
C ILE D 74 32.38 1.68 -24.66
N LYS D 75 33.35 0.96 -24.09
CA LYS D 75 34.73 1.47 -24.08
C LYS D 75 35.20 1.72 -25.52
N SER D 76 34.91 0.74 -26.38
CA SER D 76 35.30 0.78 -27.81
C SER D 76 34.67 1.99 -28.53
N VAL D 77 33.34 2.13 -28.45
CA VAL D 77 32.68 3.27 -29.08
C VAL D 77 33.21 4.65 -28.59
N ILE D 78 33.39 4.81 -27.29
CA ILE D 78 33.96 6.03 -26.74
C ILE D 78 35.39 6.31 -27.20
N GLU D 79 36.23 5.28 -27.24
CA GLU D 79 37.56 5.43 -27.81
C GLU D 79 37.46 5.83 -29.30
N LYS D 80 36.54 5.26 -30.07
CA LYS D 80 36.41 5.68 -31.49
C LYS D 80 36.11 7.15 -31.65
N ILE D 81 35.27 7.68 -30.77
CA ILE D 81 34.90 9.09 -30.77
C ILE D 81 36.01 10.03 -30.27
N ASN D 82 36.69 9.66 -29.18
CA ASN D 82 37.82 10.48 -28.68
C ASN D 82 38.95 10.64 -29.70
N SER D 83 39.15 9.60 -30.51
CA SER D 83 40.24 9.60 -31.47
C SER D 83 39.96 10.62 -32.55
N LYS D 84 38.69 10.99 -32.69
CA LYS D 84 38.27 11.94 -33.68
C LYS D 84 38.19 13.32 -33.06
N SER D 85 38.70 13.45 -31.82
CA SER D 85 38.73 14.71 -31.07
C SER D 85 37.36 15.38 -30.93
N ILE D 86 36.32 14.55 -30.83
CA ILE D 86 34.93 15.05 -30.82
C ILE D 86 34.43 15.04 -29.41
N LYS D 87 34.07 16.20 -28.89
CA LYS D 87 33.36 16.38 -27.64
C LYS D 87 31.98 16.95 -27.97
N VAL D 88 31.01 16.68 -27.11
CA VAL D 88 29.65 17.06 -27.44
C VAL D 88 29.07 18.05 -26.47
N ASP D 89 28.17 18.88 -27.00
CA ASP D 89 27.51 19.87 -26.17
C ASP D 89 26.16 19.34 -25.67
N THR D 90 25.57 18.39 -26.38
CA THR D 90 24.30 17.81 -25.94
C THR D 90 24.37 16.32 -26.12
N PHE D 91 24.01 15.59 -25.09
CA PHE D 91 23.93 14.13 -25.14
C PHE D 91 22.50 13.75 -24.84
N VAL D 92 21.88 12.96 -25.71
CA VAL D 92 20.55 12.51 -25.42
C VAL D 92 20.54 10.99 -25.51
N CYS D 93 20.05 10.30 -24.47
CA CYS D 93 19.73 8.85 -24.64
C CYS D 93 18.24 8.64 -25.04
N ALA D 94 18.02 8.22 -26.28
CA ALA D 94 16.68 7.89 -26.71
C ALA D 94 16.55 6.37 -26.84
N ALA D 95 17.51 5.64 -26.29
CA ALA D 95 17.40 4.17 -26.32
C ALA D 95 16.31 3.70 -25.32
N GLY D 96 15.78 2.51 -25.54
CA GLY D 96 15.01 1.91 -24.49
C GLY D 96 14.03 1.05 -25.20
N GLY D 97 13.07 0.52 -24.45
CA GLY D 97 11.98 -0.25 -25.05
C GLY D 97 11.03 -0.66 -23.95
N TRP D 98 9.98 -1.35 -24.37
CA TRP D 98 8.89 -1.65 -23.42
C TRP D 98 8.44 -3.07 -23.56
N SER D 99 8.24 -3.77 -22.44
CA SER D 99 7.43 -5.02 -22.44
C SER D 99 6.69 -4.97 -21.16
N GLY D 100 5.59 -5.72 -21.05
CA GLY D 100 4.79 -5.75 -19.85
C GLY D 100 4.74 -7.02 -19.04
N GLY D 101 3.95 -7.01 -18.00
CA GLY D 101 3.81 -8.21 -17.22
C GLY D 101 3.99 -8.06 -15.72
N ASN D 102 3.02 -8.58 -14.97
CA ASN D 102 3.15 -8.63 -13.53
C ASN D 102 3.97 -9.87 -13.15
N ALA D 103 4.11 -10.14 -11.86
CA ALA D 103 5.17 -11.03 -11.45
C ALA D 103 4.69 -12.45 -11.66
N SER D 104 3.39 -12.62 -11.84
CA SER D 104 2.92 -14.02 -12.02
C SER D 104 2.76 -14.34 -13.49
N SER D 105 3.04 -13.40 -14.39
CA SER D 105 2.77 -13.62 -15.81
C SER D 105 3.72 -14.58 -16.49
N ASP D 106 3.21 -15.28 -17.50
CA ASP D 106 4.06 -16.17 -18.31
C ASP D 106 5.29 -15.44 -18.86
N GLU D 107 5.11 -14.17 -19.25
CA GLU D 107 6.22 -13.46 -19.87
C GLU D 107 7.17 -12.75 -18.89
N PHE D 108 6.92 -12.88 -17.59
CA PHE D 108 7.67 -12.07 -16.65
C PHE D 108 9.20 -12.17 -16.69
N LEU D 109 9.73 -13.36 -16.46
CA LEU D 109 11.22 -13.54 -16.49
C LEU D 109 11.91 -13.04 -17.83
N LYS D 110 11.26 -13.24 -19.00
CA LYS D 110 11.79 -12.72 -20.26
C LYS D 110 11.75 -11.18 -20.33
N SER D 111 10.71 -10.59 -19.79
CA SER D 111 10.68 -9.15 -19.75
C SER D 111 11.82 -8.57 -18.84
N VAL D 112 12.28 -9.34 -17.86
CA VAL D 112 13.34 -8.87 -16.96
C VAL D 112 14.60 -8.56 -17.72
N LYS D 113 15.15 -9.56 -18.40
CA LYS D 113 16.30 -9.40 -19.27
C LYS D 113 16.15 -8.35 -20.36
N GLY D 114 15.08 -8.40 -21.15
CA GLY D 114 14.85 -7.34 -22.17
C GLY D 114 14.77 -5.93 -21.63
N MET D 115 14.07 -5.73 -20.51
CA MET D 115 14.02 -4.38 -19.98
C MET D 115 15.35 -3.94 -19.34
N ILE D 116 16.06 -4.88 -18.72
CA ILE D 116 17.42 -4.54 -18.16
C ILE D 116 18.37 -4.14 -19.31
N ASP D 117 18.32 -4.92 -20.40
CA ASP D 117 19.19 -4.69 -21.55
C ASP D 117 18.83 -3.46 -22.32
N MET D 118 17.52 -3.18 -22.47
CA MET D 118 17.15 -2.04 -23.29
C MET D 118 17.13 -0.70 -22.57
N ASN D 119 16.68 -0.69 -21.33
CA ASN D 119 16.56 0.60 -20.58
C ASN D 119 17.74 0.84 -19.60
N LEU D 120 18.21 -0.18 -18.91
CA LEU D 120 19.10 0.05 -17.77
C LEU D 120 20.56 0.08 -18.23
N TYR D 121 21.01 -0.93 -18.94
CA TYR D 121 22.35 -0.89 -19.58
C TYR D 121 22.57 0.38 -20.45
N SER D 122 21.51 0.82 -21.15
CA SER D 122 21.66 1.99 -21.96
C SER D 122 21.74 3.24 -21.08
N ALA D 123 20.94 3.32 -20.00
CA ALA D 123 21.01 4.47 -19.06
C ALA D 123 22.37 4.56 -18.42
N PHE D 124 22.84 3.41 -17.99
CA PHE D 124 24.20 3.31 -17.41
C PHE D 124 25.30 3.66 -18.41
N ALA D 125 25.22 3.14 -19.63
CA ALA D 125 26.28 3.43 -20.63
C ALA D 125 26.32 4.93 -20.87
N SER D 126 25.13 5.52 -21.06
CA SER D 126 24.99 6.96 -21.19
C SER D 126 25.80 7.77 -20.17
N ALA D 127 25.73 7.34 -18.91
CA ALA D 127 26.43 8.07 -17.89
C ALA D 127 27.95 8.06 -18.09
N HIS D 128 28.47 6.93 -18.55
CA HIS D 128 29.89 6.80 -18.79
C HIS D 128 30.16 7.63 -20.03
N ILE D 129 29.31 7.52 -21.05
CA ILE D 129 29.55 8.28 -22.27
C ILE D 129 29.57 9.79 -22.03
N GLY D 130 28.61 10.29 -21.26
CA GLY D 130 28.58 11.70 -20.92
C GLY D 130 29.85 12.11 -20.18
N ALA D 131 30.19 11.35 -19.15
CA ALA D 131 31.35 11.66 -18.32
C ALA D 131 32.59 11.84 -19.16
N LYS D 132 32.74 11.02 -20.21
CA LYS D 132 33.93 11.05 -21.07
C LYS D 132 33.86 12.06 -22.25
N LEU D 133 32.65 12.32 -22.78
CA LEU D 133 32.53 13.11 -24.02
C LEU D 133 31.80 14.45 -23.94
N LEU D 134 31.28 14.80 -22.78
CA LEU D 134 30.50 15.99 -22.77
C LEU D 134 31.44 17.11 -22.38
N ASN D 135 31.38 18.25 -23.05
CA ASN D 135 32.19 19.35 -22.53
C ASN D 135 31.44 20.24 -21.48
N GLN D 136 32.15 21.25 -20.99
CA GLN D 136 31.61 22.01 -19.89
C GLN D 136 30.30 22.64 -20.24
N GLY D 137 29.43 22.78 -19.23
CA GLY D 137 28.12 23.37 -19.50
C GLY D 137 27.27 22.60 -20.52
N GLY D 138 27.60 21.34 -20.79
CA GLY D 138 26.82 20.50 -21.70
C GLY D 138 25.46 20.07 -21.15
N LEU D 139 24.56 19.63 -22.05
CA LEU D 139 23.24 19.23 -21.66
C LEU D 139 23.23 17.71 -21.72
N PHE D 140 22.76 17.04 -20.67
CA PHE D 140 22.75 15.57 -20.63
C PHE D 140 21.35 15.08 -20.32
N VAL D 141 20.78 14.35 -21.25
CA VAL D 141 19.36 13.94 -21.14
C VAL D 141 19.09 12.42 -21.30
N LEU D 142 18.41 11.82 -20.32
CA LEU D 142 17.91 10.41 -20.43
C LEU D 142 16.40 10.41 -20.58
N THR D 143 15.88 9.48 -21.34
CA THR D 143 14.46 9.36 -21.53
C THR D 143 13.98 8.37 -20.43
N GLY D 144 13.11 8.89 -19.56
CA GLY D 144 12.60 8.09 -18.46
C GLY D 144 11.22 7.57 -18.84
N ALA D 145 10.28 7.59 -17.90
CA ALA D 145 8.91 7.21 -18.18
C ALA D 145 8.03 7.87 -17.14
N SER D 146 7.05 8.66 -17.56
CA SER D 146 6.06 9.12 -16.59
C SER D 146 5.40 7.96 -15.87
N ALA D 147 5.14 6.85 -16.56
CA ALA D 147 4.50 5.74 -15.80
C ALA D 147 5.27 5.28 -14.53
N ALA D 148 6.58 5.29 -14.57
CA ALA D 148 7.40 4.84 -13.45
C ALA D 148 7.40 5.82 -12.29
N LEU D 149 6.70 6.94 -12.45
CA LEU D 149 6.46 7.85 -11.31
C LEU D 149 5.46 7.21 -10.31
N ASN D 150 4.66 6.24 -10.76
CA ASN D 150 3.69 5.60 -9.84
C ASN D 150 3.89 4.08 -9.83
N ARG D 151 2.94 3.30 -9.32
CA ARG D 151 2.99 1.88 -9.37
C ARG D 151 2.89 1.36 -10.83
N THR D 152 3.63 0.28 -11.14
CA THR D 152 3.72 -0.24 -12.52
C THR D 152 3.50 -1.76 -12.35
N SER D 153 2.46 -2.12 -11.59
CA SER D 153 2.26 -3.52 -11.25
C SER D 153 1.93 -4.39 -12.48
N GLY D 154 1.47 -3.82 -13.57
CA GLY D 154 1.28 -4.64 -14.81
C GLY D 154 2.50 -4.67 -15.73
N MET D 155 3.57 -3.96 -15.35
CA MET D 155 4.81 -3.87 -16.13
C MET D 155 6.03 -3.67 -15.20
N ILE D 156 6.22 -4.63 -14.30
CA ILE D 156 7.13 -4.48 -13.17
C ILE D 156 8.58 -4.27 -13.66
N ALA D 157 9.01 -5.09 -14.63
CA ALA D 157 10.40 -4.95 -15.09
C ALA D 157 10.66 -3.62 -15.78
N TYR D 158 9.72 -3.16 -16.63
CA TYR D 158 9.77 -1.81 -17.26
C TYR D 158 9.74 -0.67 -16.21
N GLY D 159 8.82 -0.74 -15.23
CA GLY D 159 8.77 0.26 -14.15
C GLY D 159 10.05 0.38 -13.32
N ALA D 160 10.60 -0.74 -12.92
CA ALA D 160 11.78 -0.75 -12.09
C ALA D 160 13.04 -0.25 -12.80
N THR D 161 13.25 -0.66 -14.07
CA THR D 161 14.33 -0.17 -14.90
C THR D 161 14.20 1.31 -15.22
N LYS D 162 12.97 1.80 -15.44
CA LYS D 162 12.75 3.25 -15.60
C LYS D 162 12.92 3.99 -14.25
N ALA D 163 12.49 3.42 -13.13
CA ALA D 163 12.77 4.09 -11.82
C ALA D 163 14.31 4.26 -11.65
N ALA D 164 15.04 3.22 -12.01
CA ALA D 164 16.51 3.25 -11.88
C ALA D 164 17.03 4.32 -12.80
N THR D 165 16.45 4.41 -14.00
CA THR D 165 16.86 5.48 -14.90
C THR D 165 16.66 6.87 -14.29
N HIS D 166 15.51 7.08 -13.65
CA HIS D 166 15.23 8.40 -13.05
C HIS D 166 16.28 8.65 -11.92
N HIS D 167 16.70 7.56 -11.28
CA HIS D 167 17.63 7.71 -10.17
C HIS D 167 19.03 8.13 -10.69
N ILE D 168 19.39 7.71 -11.91
CA ILE D 168 20.70 7.98 -12.46
C ILE D 168 20.73 9.49 -12.82
N ILE D 169 19.63 9.95 -13.43
CA ILE D 169 19.44 11.36 -13.77
C ILE D 169 19.74 12.28 -12.60
N LYS D 170 19.10 12.00 -11.45
CA LYS D 170 19.30 12.80 -10.25
C LYS D 170 20.74 12.77 -9.73
N ASP D 171 21.39 11.58 -9.72
CA ASP D 171 22.79 11.36 -9.22
C ASP D 171 23.75 12.11 -10.10
N LEU D 172 23.46 12.21 -11.36
CA LEU D 172 24.31 12.92 -12.28
C LEU D 172 24.23 14.46 -12.22
N ALA D 173 23.24 14.97 -11.47
CA ALA D 173 23.06 16.42 -11.27
C ALA D 173 24.09 16.96 -10.25
N SER D 174 24.64 16.11 -9.40
CA SER D 174 25.63 16.57 -8.40
C SER D 174 27.03 16.83 -9.00
N GLU D 175 27.74 17.78 -8.35
CA GLU D 175 29.10 18.17 -8.70
C GLU D 175 30.06 16.96 -8.85
N ASN D 176 29.80 15.91 -8.10
CA ASN D 176 30.62 14.72 -8.10
C ASN D 176 29.99 13.45 -8.75
N GLY D 177 28.87 13.55 -9.47
CA GLY D 177 28.34 12.40 -10.18
C GLY D 177 29.25 11.90 -11.28
N GLY D 178 30.11 12.81 -11.74
CA GLY D 178 31.11 12.52 -12.78
C GLY D 178 30.98 13.31 -14.09
N LEU D 179 29.97 14.13 -14.24
CA LEU D 179 29.78 14.91 -15.47
C LEU D 179 30.65 16.14 -15.32
N PRO D 180 30.96 16.85 -16.41
CA PRO D 180 31.83 18.03 -16.25
C PRO D 180 31.13 19.21 -15.57
N ALA D 181 31.94 20.13 -15.04
CA ALA D 181 31.46 21.38 -14.42
C ALA D 181 30.40 22.09 -15.27
N GLY D 182 29.39 22.67 -14.62
CA GLY D 182 28.34 23.39 -15.32
C GLY D 182 27.30 22.58 -16.12
N SER D 183 27.49 21.29 -16.30
CA SER D 183 26.48 20.52 -17.10
C SER D 183 25.13 20.32 -16.37
N THR D 184 24.09 20.02 -17.13
CA THR D 184 22.79 19.83 -16.55
C THR D 184 22.40 18.44 -16.95
N SER D 185 21.93 17.67 -15.96
CA SER D 185 21.36 16.35 -16.16
C SER D 185 19.84 16.45 -15.99
N LEU D 186 19.11 15.92 -16.98
CA LEU D 186 17.63 16.03 -17.07
C LEU D 186 17.00 14.73 -17.58
N GLY D 187 15.78 14.44 -17.12
CA GLY D 187 15.01 13.32 -17.64
C GLY D 187 13.89 13.90 -18.43
N ILE D 188 13.55 13.30 -19.55
CA ILE D 188 12.26 13.64 -20.12
C ILE D 188 11.46 12.33 -19.95
N LEU D 189 10.25 12.47 -19.44
CA LEU D 189 9.43 11.33 -19.11
C LEU D 189 8.16 11.43 -19.93
N PRO D 190 8.17 10.80 -21.10
CA PRO D 190 6.97 10.81 -21.90
C PRO D 190 5.86 9.95 -21.28
N VAL D 191 4.64 10.23 -21.73
CA VAL D 191 3.46 9.49 -21.38
C VAL D 191 3.12 8.63 -22.57
N THR D 192 2.81 9.25 -23.70
CA THR D 192 2.74 8.52 -24.99
C THR D 192 3.32 9.36 -26.13
N LEU D 193 4.16 8.75 -26.93
CA LEU D 193 4.78 9.38 -28.12
C LEU D 193 3.99 8.95 -29.32
N ASP D 194 3.87 9.84 -30.31
CA ASP D 194 3.30 9.43 -31.57
C ASP D 194 4.37 8.80 -32.47
N THR D 195 4.55 7.48 -32.34
CA THR D 195 5.43 6.66 -33.21
C THR D 195 4.63 5.65 -34.08
N PRO D 196 5.15 5.29 -35.28
CA PRO D 196 4.45 4.33 -36.17
C PRO D 196 4.02 3.05 -35.41
N THR D 197 4.91 2.57 -34.54
CA THR D 197 4.61 1.40 -33.72
C THR D 197 3.37 1.60 -32.81
N ASN D 198 3.28 2.71 -32.06
CA ASN D 198 2.06 2.94 -31.25
C ASN D 198 0.78 2.90 -32.13
N ARG D 199 0.87 3.55 -33.30
CA ARG D 199 -0.11 3.47 -34.35
C ARG D 199 -0.59 2.02 -34.62
N LYS D 200 0.35 1.16 -35.02
CA LYS D 200 0.02 -0.21 -35.45
C LYS D 200 -0.97 -0.95 -34.51
N TYR D 201 -1.02 -0.58 -33.24
CA TYR D 201 -1.75 -1.38 -32.25
C TYR D 201 -2.96 -0.71 -31.60
N MET D 202 -3.10 0.59 -31.76
CA MET D 202 -4.28 1.20 -31.14
C MET D 202 -5.08 1.84 -32.27
N SER D 203 -5.67 0.95 -33.05
CA SER D 203 -6.52 1.37 -34.12
C SER D 203 -7.30 2.61 -33.69
N ASP D 204 -8.05 2.47 -32.61
CA ASP D 204 -9.21 3.33 -32.38
C ASP D 204 -9.01 4.36 -31.29
N ALA D 205 -7.79 4.42 -30.73
CA ALA D 205 -7.42 5.42 -29.73
C ALA D 205 -7.33 6.86 -30.23
N ASN D 206 -7.41 7.80 -29.28
CA ASN D 206 -7.43 9.22 -29.57
C ASN D 206 -6.01 9.71 -29.75
N PHE D 207 -5.53 9.67 -31.00
CA PHE D 207 -4.13 9.98 -31.40
C PHE D 207 -3.66 11.36 -30.97
N ASP D 208 -4.58 12.30 -30.97
CA ASP D 208 -4.31 13.67 -30.50
C ASP D 208 -3.80 13.80 -29.05
N ASP D 209 -4.07 12.81 -28.18
CA ASP D 209 -3.52 12.79 -26.79
C ASP D 209 -2.09 12.16 -26.71
N TRP D 210 -1.35 12.22 -27.82
CA TRP D 210 -0.06 11.60 -28.02
C TRP D 210 0.90 12.70 -28.47
N THR D 211 2.18 12.61 -28.09
CA THR D 211 3.11 13.71 -28.38
C THR D 211 3.80 13.48 -29.72
N PRO D 212 3.85 14.52 -30.59
CA PRO D 212 4.64 14.45 -31.82
C PRO D 212 6.12 14.42 -31.46
N LEU D 213 6.86 13.57 -32.16
CA LEU D 213 8.27 13.40 -31.93
C LEU D 213 9.02 14.72 -32.07
N SER D 214 8.60 15.46 -33.10
CA SER D 214 9.20 16.73 -33.44
C SER D 214 9.16 17.72 -32.30
N GLU D 215 8.09 17.70 -31.50
CA GLU D 215 8.00 18.55 -30.33
C GLU D 215 9.04 18.16 -29.24
N VAL D 216 9.32 16.87 -29.10
CA VAL D 216 10.31 16.50 -28.14
C VAL D 216 11.66 16.99 -28.63
N ALA D 217 11.95 16.71 -29.90
CA ALA D 217 13.17 17.21 -30.51
C ALA D 217 13.31 18.74 -30.39
N GLU D 218 12.21 19.45 -30.56
CA GLU D 218 12.20 20.92 -30.46
C GLU D 218 12.55 21.43 -29.08
N LYS D 219 12.04 20.74 -28.07
CA LYS D 219 12.26 21.14 -26.70
C LYS D 219 13.73 20.92 -26.33
N LEU D 220 14.32 19.85 -26.84
CA LEU D 220 15.69 19.52 -26.60
C LEU D 220 16.62 20.56 -27.30
N PHE D 221 16.24 21.00 -28.50
CA PHE D 221 17.01 22.03 -29.20
C PHE D 221 17.00 23.34 -28.38
N GLU D 222 15.83 23.68 -27.85
CA GLU D 222 15.64 24.84 -27.03
C GLU D 222 16.59 24.79 -25.83
N TRP D 223 16.51 23.70 -25.07
CA TRP D 223 17.43 23.43 -23.96
C TRP D 223 18.91 23.53 -24.32
N SER D 224 19.23 23.01 -25.49
CA SER D 224 20.63 22.95 -25.97
C SER D 224 21.19 24.34 -26.32
N THR D 225 20.33 25.29 -26.66
CA THR D 225 20.76 26.58 -27.21
C THR D 225 20.39 27.77 -26.33
N ASN D 226 19.66 27.52 -25.25
CA ASN D 226 19.39 28.55 -24.30
C ASN D 226 19.40 27.92 -22.92
N SER D 227 20.55 28.00 -22.27
CA SER D 227 20.70 27.23 -21.08
C SER D 227 19.86 27.74 -19.89
N ASP D 228 19.36 28.96 -19.93
CA ASP D 228 18.50 29.31 -18.81
C ASP D 228 17.00 28.96 -19.08
N SER D 229 16.72 28.30 -20.23
CA SER D 229 15.39 27.70 -20.47
C SER D 229 15.31 26.28 -19.81
N ARG D 230 16.48 25.79 -19.37
CA ARG D 230 16.64 24.54 -18.66
C ARG D 230 16.01 24.60 -17.27
N PRO D 231 15.26 23.53 -16.90
CA PRO D 231 14.80 23.50 -15.52
C PRO D 231 15.98 23.11 -14.62
N THR D 232 15.82 23.27 -13.32
CA THR D 232 16.84 22.94 -12.33
C THR D 232 17.49 21.54 -12.55
N ASN D 233 18.79 21.56 -12.38
CA ASN D 233 19.62 20.39 -12.51
C ASN D 233 19.03 19.14 -11.80
N GLY D 234 18.92 18.05 -12.54
CA GLY D 234 18.41 16.82 -11.95
C GLY D 234 16.87 16.72 -12.02
N SER D 235 16.21 17.67 -12.66
CA SER D 235 14.73 17.61 -12.78
C SER D 235 14.31 16.45 -13.72
N LEU D 236 13.26 15.73 -13.34
CA LEU D 236 12.54 14.82 -14.24
C LEU D 236 11.36 15.57 -14.89
N VAL D 237 11.34 15.66 -16.20
CA VAL D 237 10.35 16.51 -16.81
C VAL D 237 9.28 15.70 -17.47
N LYS D 238 8.14 15.59 -16.82
CA LYS D 238 7.02 14.90 -17.45
C LYS D 238 6.50 15.72 -18.64
N PHE D 239 6.07 15.04 -19.67
CA PHE D 239 5.30 15.73 -20.68
C PHE D 239 4.17 14.90 -21.22
N GLU D 240 3.07 15.56 -21.49
CA GLU D 240 1.86 14.84 -21.80
C GLU D 240 1.06 15.66 -22.78
N THR D 241 0.47 14.97 -23.74
CA THR D 241 -0.41 15.69 -24.65
C THR D 241 -1.88 15.37 -24.39
N LYS D 242 -2.68 16.41 -24.61
CA LYS D 242 -4.12 16.34 -24.48
C LYS D 242 -4.69 17.30 -25.53
N SER D 243 -5.41 16.76 -26.52
CA SER D 243 -5.95 17.59 -27.63
C SER D 243 -4.86 18.42 -28.34
N LYS D 244 -3.74 17.80 -28.65
CA LYS D 244 -2.65 18.47 -29.41
C LYS D 244 -1.90 19.52 -28.58
N VAL D 245 -2.28 19.70 -27.31
CA VAL D 245 -1.52 20.62 -26.45
C VAL D 245 -0.59 19.86 -25.45
N THR D 246 0.71 20.12 -25.61
CA THR D 246 1.73 19.42 -24.86
C THR D 246 2.14 20.25 -23.65
N THR D 247 1.97 19.70 -22.46
CA THR D 247 2.38 20.37 -21.26
C THR D 247 3.61 19.63 -20.74
N TRP D 248 4.62 20.42 -20.37
CA TRP D 248 5.86 19.89 -19.81
C TRP D 248 5.82 20.26 -18.35
N THR D 249 6.02 19.29 -17.45
CA THR D 249 5.97 19.57 -16.02
C THR D 249 7.28 19.17 -15.33
N ASN D 250 7.96 20.14 -14.74
CA ASN D 250 9.18 19.85 -13.99
C ASN D 250 8.81 19.17 -12.65
N LEU D 251 9.25 17.95 -12.44
CA LEU D 251 9.15 17.35 -11.12
C LEU D 251 10.38 16.50 -10.75
#